data_1SXP
#
_entry.id   1SXP
#
_cell.length_a   87.354
_cell.length_b   172.821
_cell.length_c   60.839
_cell.angle_alpha   90.00
_cell.angle_beta   90.00
_cell.angle_gamma   90.00
#
_symmetry.space_group_name_H-M   'P 21 21 2'
#
loop_
_entity.id
_entity.type
_entity.pdbx_description
1 polymer "5'-D(*A*AP*TP*AP*CP*TP*AP*AP*GP*AP*TP*AP*G)-3'"
2 polymer "5'-D(*CP*TP*AP*TP*CP*TP*GP*AP*GP*TP*AP*TP*T)-3'"
3 polymer 'DNA beta-glucosyltransferase'
4 non-polymer 'TETRAETHYLENE GLYCOL'
5 non-polymer GLYCEROL
6 water water
#
loop_
_entity_poly.entity_id
_entity_poly.type
_entity_poly.pdbx_seq_one_letter_code
_entity_poly.pdbx_strand_id
1 'polydeoxyribonucleotide' (DG)(DA)(DT)(DA)(DC)(DT)(DA)(DA)(DG)(DA)(DT)(DA)(DG) C
2 'polydeoxyribonucleotide' (DC)(DT)(DA)(DT)(DC)(DT)(DG)(DA)(DG)(DT)(DA)(DT)(DC) D
3 'polypeptide(L)'
;MKIAIINMGNNVINFKTVPSSETIYLFKVISEMGLNVDIISLKNGVYTKSFDEVDVNDYDRLIVVNSSINFFGGKPNLAI
LSAQKFMAKYKSKIYYLFTDIRLPFSQSWPNVKNRPWAYLYTEEELLIKSPIKVISQGINLDIAKAAHKKVDNVIEFEYF
PIEQYKIHMNDFQLSKPTKKTLDVIYGGSFRSGQRESKMVEFLFDTGLNIEFFGNAREKQFKNPKYPWTKAPVFTGKIPM
NMVSEKNSQAIAALIIGDKNYNDNFITLRVWETMASDAVMLIDEEFDTKHRIINDARFYVNNRAELIDRVNELKHSDVLR
KEMLSIQHDILNKTRAKKAEWQDAFKKAIDL
;
A,B
#
# COMPACT_ATOMS: atom_id res chain seq x y z
N MET C 1 -12.42 3.04 -39.42
CA MET C 1 -12.23 2.76 -37.98
C MET C 1 -11.63 4.01 -37.32
N LYS C 2 -12.42 4.66 -36.46
CA LYS C 2 -11.94 5.85 -35.78
C LYS C 2 -11.37 5.45 -34.43
N ILE C 3 -10.12 5.85 -34.19
CA ILE C 3 -9.46 5.53 -32.93
C ILE C 3 -9.21 6.77 -32.08
N ALA C 4 -9.48 6.66 -30.79
CA ALA C 4 -9.22 7.78 -29.89
C ALA C 4 -8.19 7.27 -28.91
N ILE C 5 -7.23 8.11 -28.56
CA ILE C 5 -6.24 7.71 -27.57
C ILE C 5 -6.11 8.80 -26.54
N ILE C 6 -6.11 8.40 -25.27
CA ILE C 6 -5.99 9.34 -24.17
C ILE C 6 -4.98 8.87 -23.14
N ASN C 7 -4.46 9.81 -22.38
CA ASN C 7 -3.56 9.47 -21.30
C ASN C 7 -4.46 9.59 -20.06
N MET C 8 -4.51 8.53 -19.25
CA MET C 8 -5.41 8.55 -18.12
C MET C 8 -5.21 9.61 -17.03
N GLY C 9 -3.97 9.91 -16.67
CA GLY C 9 -3.76 10.89 -15.62
C GLY C 9 -2.78 12.02 -15.90
N ASN C 10 -2.45 12.23 -17.16
CA ASN C 10 -1.52 13.32 -17.50
C ASN C 10 -2.07 14.15 -18.64
N ASN C 11 -1.79 15.45 -18.58
CA ASN C 11 -2.24 16.35 -19.62
C ASN C 11 -1.35 16.21 -20.86
N VAL C 12 -1.97 16.33 -22.03
CA VAL C 12 -1.26 16.21 -23.29
C VAL C 12 -1.37 17.47 -24.14
N ILE C 13 -0.23 18.11 -24.37
CA ILE C 13 -0.15 19.34 -25.16
C ILE C 13 0.97 19.23 -26.17
N ASN C 14 2.19 19.03 -25.69
CA ASN C 14 3.34 18.94 -26.55
C ASN C 14 4.39 17.97 -26.01
N PHE C 15 5.64 18.13 -26.47
CA PHE C 15 6.73 17.27 -26.04
C PHE C 15 7.51 17.84 -24.86
N LYS C 16 6.92 18.81 -24.17
CA LYS C 16 7.58 19.40 -23.02
C LYS C 16 7.60 18.50 -21.78
N THR C 17 6.88 17.38 -21.80
CA THR C 17 6.91 16.45 -20.66
C THR C 17 7.00 14.99 -21.11
N VAL C 18 7.46 14.14 -20.21
CA VAL C 18 7.60 12.72 -20.50
C VAL C 18 6.30 12.12 -20.97
N PRO C 19 5.28 12.05 -20.09
CA PRO C 19 4.00 11.46 -20.50
C PRO C 19 3.36 12.07 -21.76
N SER C 20 3.49 13.37 -21.94
CA SER C 20 2.88 13.99 -23.11
C SER C 20 3.55 13.51 -24.40
N SER C 21 4.88 13.45 -24.37
CA SER C 21 5.65 13.02 -25.53
C SER C 21 5.26 11.58 -25.89
N GLU C 22 5.23 10.72 -24.88
CA GLU C 22 4.88 9.32 -25.10
C GLU C 22 3.53 9.22 -25.83
N THR C 23 2.53 9.95 -25.34
CA THR C 23 1.21 9.91 -25.96
C THR C 23 1.20 10.45 -27.39
N ILE C 24 1.91 11.54 -27.62
CA ILE C 24 1.97 12.13 -28.95
C ILE C 24 2.75 11.23 -29.91
N TYR C 25 3.83 10.63 -29.43
CA TYR C 25 4.63 9.74 -30.25
C TYR C 25 3.84 8.46 -30.54
N LEU C 26 3.05 8.01 -29.58
CA LEU C 26 2.24 6.81 -29.82
C LEU C 26 1.26 7.20 -30.91
N PHE C 27 0.69 8.39 -30.76
CA PHE C 27 -0.29 8.93 -31.70
C PHE C 27 0.27 8.97 -33.12
N LYS C 28 1.47 9.51 -33.26
CA LYS C 28 2.09 9.62 -34.57
C LYS C 28 2.41 8.29 -35.24
N VAL C 29 2.90 7.33 -34.46
CA VAL C 29 3.23 6.04 -35.04
C VAL C 29 1.97 5.35 -35.54
N ILE C 30 0.85 5.57 -34.85
CA ILE C 30 -0.41 4.97 -35.27
C ILE C 30 -0.93 5.67 -36.54
N SER C 31 -0.78 6.99 -36.59
CA SER C 31 -1.20 7.75 -37.77
C SER C 31 -0.38 7.26 -38.97
N GLU C 32 0.92 7.05 -38.74
CA GLU C 32 1.80 6.61 -39.81
C GLU C 32 1.44 5.22 -40.30
N MET C 33 0.58 4.53 -39.56
CA MET C 33 0.11 3.21 -39.94
C MET C 33 -1.04 3.42 -40.93
N GLY C 34 -1.44 4.68 -41.12
CA GLY C 34 -2.53 4.97 -42.02
C GLY C 34 -3.87 4.89 -41.33
N LEU C 35 -3.85 4.86 -40.00
CA LEU C 35 -5.07 4.80 -39.22
C LEU C 35 -5.53 6.20 -38.84
N ASN C 36 -6.83 6.33 -38.60
CA ASN C 36 -7.44 7.59 -38.21
C ASN C 36 -7.45 7.64 -36.69
N VAL C 37 -6.58 8.46 -36.13
CA VAL C 37 -6.49 8.58 -34.68
C VAL C 37 -6.55 10.02 -34.19
N ASP C 38 -7.15 10.18 -33.02
CA ASP C 38 -7.29 11.47 -32.38
C ASP C 38 -6.85 11.38 -30.92
N ILE C 39 -6.14 12.39 -30.45
CA ILE C 39 -5.73 12.44 -29.06
C ILE C 39 -6.76 13.30 -28.35
N ILE C 40 -7.40 12.74 -27.34
CA ILE C 40 -8.39 13.50 -26.58
C ILE C 40 -7.78 13.82 -25.21
N SER C 41 -7.81 15.10 -24.85
CA SER C 41 -7.27 15.53 -23.56
C SER C 41 -8.04 16.75 -23.05
N LEU C 42 -7.41 17.50 -22.14
CA LEU C 42 -8.07 18.65 -21.54
C LEU C 42 -8.46 19.76 -22.49
N LYS C 43 -7.51 20.30 -23.25
CA LYS C 43 -7.85 21.38 -24.16
C LYS C 43 -7.48 21.10 -25.61
N ASN C 44 -8.15 21.74 -26.56
CA ASN C 44 -7.83 21.54 -27.96
C ASN C 44 -6.41 22.06 -28.21
N GLY C 45 -5.67 21.37 -29.08
CA GLY C 45 -4.31 21.77 -29.39
C GLY C 45 -3.88 21.19 -30.72
N VAL C 46 -2.65 21.51 -31.14
CA VAL C 46 -2.14 21.02 -32.41
C VAL C 46 -2.30 19.52 -32.50
N TYR C 47 -2.10 18.85 -31.39
CA TYR C 47 -2.20 17.39 -31.37
C TYR C 47 -3.41 16.87 -30.61
N THR C 48 -4.18 17.74 -29.97
CA THR C 48 -5.30 17.26 -29.18
C THR C 48 -6.67 17.89 -29.31
N LYS C 49 -7.68 17.10 -28.97
CA LYS C 49 -9.06 17.54 -28.98
C LYS C 49 -9.47 17.54 -27.51
N SER C 50 -10.34 18.45 -27.11
CA SER C 50 -10.80 18.55 -25.74
C SER C 50 -11.86 17.51 -25.37
N PHE C 51 -11.74 16.93 -24.18
CA PHE C 51 -12.72 15.95 -23.70
C PHE C 51 -14.14 16.52 -23.84
N ASP C 52 -14.32 17.76 -23.39
CA ASP C 52 -15.63 18.42 -23.41
C ASP C 52 -16.19 18.86 -24.74
N GLU C 53 -15.59 18.39 -25.83
CA GLU C 53 -16.06 18.78 -27.16
C GLU C 53 -16.24 17.61 -28.10
N VAL C 54 -15.91 16.42 -27.62
CA VAL C 54 -16.04 15.25 -28.45
C VAL C 54 -16.92 14.27 -27.71
N ASP C 55 -17.50 13.33 -28.46
CA ASP C 55 -18.37 12.30 -27.88
C ASP C 55 -17.64 10.97 -28.02
N VAL C 56 -17.14 10.47 -26.89
CA VAL C 56 -16.37 9.24 -26.84
C VAL C 56 -16.98 8.08 -27.63
N ASN C 57 -18.31 8.05 -27.72
CA ASN C 57 -18.93 6.96 -28.45
C ASN C 57 -18.88 7.10 -29.96
N ASP C 58 -18.18 8.11 -30.47
CA ASP C 58 -18.05 8.25 -31.91
C ASP C 58 -16.91 7.34 -32.38
N TYR C 59 -16.04 6.94 -31.45
CA TYR C 59 -14.89 6.12 -31.80
C TYR C 59 -15.19 4.63 -31.66
N ASP C 60 -14.54 3.83 -32.51
CA ASP C 60 -14.71 2.38 -32.52
C ASP C 60 -13.70 1.73 -31.61
N ARG C 61 -12.66 2.50 -31.27
CA ARG C 61 -11.61 2.01 -30.39
C ARG C 61 -11.11 3.09 -29.45
N LEU C 62 -11.05 2.79 -28.16
CA LEU C 62 -10.56 3.75 -27.17
C LEU C 62 -9.31 3.16 -26.53
N ILE C 63 -8.18 3.84 -26.74
CA ILE C 63 -6.90 3.38 -26.20
C ILE C 63 -6.49 4.32 -25.07
N VAL C 64 -6.17 3.71 -23.92
CA VAL C 64 -5.78 4.46 -22.74
C VAL C 64 -4.37 4.13 -22.29
N VAL C 65 -3.50 5.14 -22.32
CA VAL C 65 -2.11 5.00 -21.90
C VAL C 65 -2.14 4.95 -20.37
N ASN C 66 -1.58 3.90 -19.80
CA ASN C 66 -1.59 3.73 -18.35
C ASN C 66 -1.15 4.94 -17.55
N SER C 67 -1.66 5.02 -16.33
CA SER C 67 -1.33 6.12 -15.46
C SER C 67 -1.77 5.79 -14.03
N SER C 68 -1.40 6.64 -13.09
CA SER C 68 -1.75 6.40 -11.70
C SER C 68 -2.79 7.40 -11.24
N ILE C 69 -3.46 7.07 -10.14
CA ILE C 69 -4.44 7.96 -9.57
C ILE C 69 -3.84 8.53 -8.29
N ASN C 70 -3.28 9.71 -8.41
CA ASN C 70 -2.67 10.39 -7.29
C ASN C 70 -3.16 11.83 -7.25
N PHE C 71 -4.06 12.09 -6.32
CA PHE C 71 -4.62 13.42 -6.16
C PHE C 71 -3.69 14.27 -5.30
N PHE C 72 -2.68 14.87 -5.94
CA PHE C 72 -1.71 15.71 -5.24
C PHE C 72 -2.39 16.76 -4.38
N GLY C 73 -1.86 16.95 -3.18
CA GLY C 73 -2.42 17.94 -2.27
C GLY C 73 -3.87 17.67 -1.91
N GLY C 74 -4.31 16.44 -2.09
CA GLY C 74 -5.69 16.09 -1.77
C GLY C 74 -6.71 16.76 -2.68
N LYS C 75 -6.23 17.58 -3.60
CA LYS C 75 -7.12 18.30 -4.50
C LYS C 75 -7.51 17.52 -5.76
N PRO C 76 -8.61 17.92 -6.40
CA PRO C 76 -9.07 17.25 -7.62
C PRO C 76 -7.99 17.30 -8.72
N ASN C 77 -7.74 16.17 -9.35
CA ASN C 77 -6.77 16.08 -10.44
C ASN C 77 -7.58 15.99 -11.74
N LEU C 78 -7.72 17.11 -12.43
CA LEU C 78 -8.49 17.20 -13.66
C LEU C 78 -8.17 16.24 -14.80
N ALA C 79 -6.90 15.84 -14.96
CA ALA C 79 -6.61 14.91 -16.07
C ALA C 79 -7.20 13.52 -15.76
N ILE C 80 -7.03 13.07 -14.52
CA ILE C 80 -7.55 11.77 -14.11
C ILE C 80 -9.08 11.78 -14.16
N LEU C 81 -9.68 12.82 -13.59
CA LEU C 81 -11.12 12.91 -13.56
C LEU C 81 -11.80 13.06 -14.92
N SER C 82 -11.26 13.92 -15.78
CA SER C 82 -11.81 14.13 -17.11
C SER C 82 -11.67 12.83 -17.91
N ALA C 83 -10.50 12.23 -17.79
CA ALA C 83 -10.19 10.99 -18.47
C ALA C 83 -11.17 9.88 -18.07
N GLN C 84 -11.31 9.65 -16.77
CA GLN C 84 -12.20 8.60 -16.30
C GLN C 84 -13.67 8.88 -16.58
N LYS C 85 -14.07 10.15 -16.70
CA LYS C 85 -15.46 10.44 -17.03
C LYS C 85 -15.65 10.04 -18.49
N PHE C 86 -14.62 10.31 -19.30
CA PHE C 86 -14.62 10.00 -20.72
C PHE C 86 -14.74 8.49 -20.90
N MET C 87 -13.91 7.76 -20.16
CA MET C 87 -13.90 6.30 -20.21
C MET C 87 -15.21 5.68 -19.70
N ALA C 88 -15.80 6.30 -18.68
CA ALA C 88 -17.04 5.79 -18.08
C ALA C 88 -18.23 5.85 -19.04
N LYS C 89 -18.22 6.85 -19.92
CA LYS C 89 -19.30 7.03 -20.87
C LYS C 89 -19.12 6.11 -22.08
N TYR C 90 -17.89 5.62 -22.27
CA TYR C 90 -17.62 4.73 -23.40
C TYR C 90 -18.39 3.41 -23.22
N LYS C 91 -18.95 2.90 -24.31
CA LYS C 91 -19.73 1.67 -24.24
C LYS C 91 -19.15 0.39 -24.84
N SER C 92 -17.91 0.43 -25.30
CA SER C 92 -17.31 -0.76 -25.87
C SER C 92 -16.07 -1.14 -25.09
N LYS C 93 -15.25 -2.03 -25.65
CA LYS C 93 -14.05 -2.46 -24.95
C LYS C 93 -12.95 -1.38 -24.90
N ILE C 94 -12.28 -1.29 -23.76
CA ILE C 94 -11.20 -0.33 -23.60
C ILE C 94 -9.83 -1.02 -23.70
N TYR C 95 -8.91 -0.39 -24.41
CA TYR C 95 -7.57 -0.94 -24.56
C TYR C 95 -6.62 -0.11 -23.71
N TYR C 96 -6.08 -0.74 -22.66
CA TYR C 96 -5.17 -0.12 -21.69
C TYR C 96 -3.74 -0.56 -21.93
N LEU C 97 -2.88 0.38 -22.33
CA LEU C 97 -1.47 0.08 -22.57
C LEU C 97 -0.71 0.14 -21.25
N PHE C 98 -0.32 -1.03 -20.77
CA PHE C 98 0.41 -1.21 -19.52
C PHE C 98 1.90 -1.12 -19.83
N THR C 99 2.48 0.06 -19.69
CA THR C 99 3.90 0.23 -20.02
C THR C 99 4.81 0.30 -18.80
N ASP C 100 4.20 0.24 -17.62
CA ASP C 100 4.94 0.31 -16.36
C ASP C 100 4.18 -0.50 -15.32
N ILE C 101 4.85 -1.52 -14.77
CA ILE C 101 4.26 -2.39 -13.77
C ILE C 101 3.61 -1.61 -12.61
N ARG C 102 4.06 -0.37 -12.40
CA ARG C 102 3.54 0.49 -11.34
C ARG C 102 2.21 1.15 -11.67
N LEU C 103 1.79 1.10 -12.93
CA LEU C 103 0.54 1.75 -13.32
C LEU C 103 -0.59 0.85 -13.79
N PRO C 104 -1.10 -0.04 -12.91
CA PRO C 104 -2.20 -0.92 -13.31
C PRO C 104 -3.46 -0.08 -13.45
N PHE C 105 -4.42 -0.55 -14.24
CA PHE C 105 -5.67 0.20 -14.37
C PHE C 105 -6.27 0.25 -12.97
N SER C 106 -6.92 1.36 -12.66
CA SER C 106 -7.51 1.54 -11.37
C SER C 106 -8.74 2.44 -11.46
N GLN C 107 -9.77 2.11 -10.69
CA GLN C 107 -10.98 2.91 -10.67
C GLN C 107 -10.66 4.08 -9.74
N SER C 108 -11.18 5.27 -10.05
CA SER C 108 -10.92 6.43 -9.21
C SER C 108 -12.04 6.68 -8.22
N TRP C 109 -13.25 6.24 -8.57
CA TRP C 109 -14.43 6.43 -7.72
C TRP C 109 -14.26 6.07 -6.24
N PRO C 110 -13.73 4.86 -5.94
CA PRO C 110 -13.55 4.48 -4.53
C PRO C 110 -12.69 5.48 -3.78
N ASN C 111 -11.85 6.17 -4.54
CA ASN C 111 -10.94 7.16 -4.02
C ASN C 111 -11.65 8.49 -3.86
N VAL C 112 -12.42 8.86 -4.86
CA VAL C 112 -13.13 10.13 -4.84
C VAL C 112 -14.30 10.19 -3.85
N LYS C 113 -15.10 9.12 -3.77
CA LYS C 113 -16.25 9.12 -2.87
C LYS C 113 -15.94 9.48 -1.41
N ASN C 114 -14.72 9.28 -0.95
CA ASN C 114 -14.40 9.62 0.43
C ASN C 114 -13.60 10.91 0.58
N ARG C 115 -13.68 11.78 -0.43
CA ARG C 115 -12.98 13.05 -0.43
C ARG C 115 -13.93 14.16 0.00
N PRO C 116 -13.42 15.22 0.65
CA PRO C 116 -14.35 16.28 1.04
C PRO C 116 -15.04 16.91 -0.17
N TRP C 117 -14.40 16.82 -1.34
CA TRP C 117 -14.99 17.36 -2.56
C TRP C 117 -15.74 16.31 -3.37
N ALA C 118 -16.07 15.20 -2.73
CA ALA C 118 -16.79 14.12 -3.38
C ALA C 118 -18.10 14.56 -4.03
N TYR C 119 -18.76 15.55 -3.47
CA TYR C 119 -20.04 16.00 -4.03
C TYR C 119 -19.95 16.56 -5.46
N LEU C 120 -18.74 16.81 -5.95
CA LEU C 120 -18.59 17.33 -7.31
C LEU C 120 -18.70 16.20 -8.35
N TYR C 121 -18.77 14.95 -7.90
CA TYR C 121 -18.85 13.83 -8.83
C TYR C 121 -19.86 12.77 -8.39
N THR C 122 -20.28 11.94 -9.34
CA THR C 122 -21.23 10.87 -9.05
C THR C 122 -20.59 9.58 -9.51
N GLU C 123 -20.99 8.46 -8.91
CA GLU C 123 -20.38 7.20 -9.30
C GLU C 123 -20.78 6.87 -10.73
N GLU C 124 -21.94 7.36 -11.17
CA GLU C 124 -22.37 7.10 -12.52
C GLU C 124 -21.42 7.70 -13.53
N GLU C 125 -20.87 8.88 -13.22
CA GLU C 125 -19.97 9.54 -14.16
C GLU C 125 -18.50 9.15 -14.09
N LEU C 126 -18.11 8.43 -13.03
CA LEU C 126 -16.71 8.01 -12.86
C LEU C 126 -16.45 6.50 -12.95
N LEU C 127 -17.46 5.70 -12.62
CA LEU C 127 -17.30 4.25 -12.63
C LEU C 127 -17.20 3.69 -14.03
N ILE C 128 -16.03 3.14 -14.35
CA ILE C 128 -15.80 2.58 -15.67
C ILE C 128 -16.25 1.10 -15.68
N LYS C 129 -17.33 0.79 -16.41
CA LYS C 129 -17.86 -0.58 -16.45
C LYS C 129 -17.46 -1.40 -17.67
N SER C 130 -17.10 -0.73 -18.76
CA SER C 130 -16.71 -1.42 -19.99
C SER C 130 -15.59 -2.45 -19.75
N PRO C 131 -15.57 -3.54 -20.52
CA PRO C 131 -14.52 -4.54 -20.34
C PRO C 131 -13.18 -3.94 -20.78
N ILE C 132 -12.10 -4.37 -20.12
CA ILE C 132 -10.79 -3.84 -20.43
C ILE C 132 -9.82 -4.89 -20.94
N LYS C 133 -9.02 -4.50 -21.92
CA LYS C 133 -8.02 -5.40 -22.47
C LYS C 133 -6.64 -4.80 -22.23
N VAL C 134 -5.93 -5.37 -21.27
CA VAL C 134 -4.60 -4.90 -20.96
C VAL C 134 -3.59 -5.35 -22.02
N ILE C 135 -2.97 -4.39 -22.71
CA ILE C 135 -1.95 -4.72 -23.70
C ILE C 135 -0.64 -4.44 -22.98
N SER C 136 -0.01 -5.49 -22.48
CA SER C 136 1.22 -5.32 -21.73
C SER C 136 2.50 -5.24 -22.54
N GLN C 137 3.36 -4.31 -22.12
CA GLN C 137 4.65 -4.10 -22.74
C GLN C 137 5.54 -5.23 -22.25
N GLY C 138 5.23 -5.73 -21.06
CA GLY C 138 5.98 -6.84 -20.48
C GLY C 138 5.55 -8.12 -21.17
N ILE C 139 6.48 -9.05 -21.36
CA ILE C 139 6.15 -10.29 -22.03
C ILE C 139 5.59 -11.34 -21.07
N ASN C 140 5.73 -11.08 -19.77
CA ASN C 140 5.22 -11.98 -18.74
C ASN C 140 3.79 -11.56 -18.43
N LEU C 141 2.81 -12.20 -19.06
CA LEU C 141 1.43 -11.84 -18.83
C LEU C 141 0.90 -12.18 -17.43
N ASP C 142 1.63 -13.00 -16.69
CA ASP C 142 1.21 -13.36 -15.34
C ASP C 142 1.49 -12.20 -14.39
N ILE C 143 2.56 -11.46 -14.67
CA ILE C 143 2.92 -10.30 -13.86
C ILE C 143 1.87 -9.22 -14.10
N ALA C 144 1.32 -9.21 -15.31
CA ALA C 144 0.30 -8.24 -15.69
C ALA C 144 -1.07 -8.57 -15.09
N LYS C 145 -1.42 -9.85 -15.03
CA LYS C 145 -2.70 -10.28 -14.46
C LYS C 145 -2.63 -10.06 -12.95
N ALA C 146 -1.44 -10.27 -12.38
CA ALA C 146 -1.22 -10.12 -10.95
C ALA C 146 -1.43 -8.69 -10.50
N ALA C 147 -1.00 -7.74 -11.33
CA ALA C 147 -1.14 -6.33 -11.00
C ALA C 147 -2.59 -5.86 -11.04
N HIS C 148 -3.36 -6.39 -11.97
CA HIS C 148 -4.76 -5.99 -12.11
C HIS C 148 -5.73 -6.88 -11.35
N LYS C 149 -5.30 -7.44 -10.22
CA LYS C 149 -6.18 -8.31 -9.45
C LYS C 149 -7.34 -7.55 -8.83
N LYS C 150 -7.05 -6.37 -8.27
CA LYS C 150 -8.09 -5.57 -7.63
C LYS C 150 -9.26 -5.27 -8.55
N VAL C 151 -8.99 -5.02 -9.82
CA VAL C 151 -10.05 -4.71 -10.78
C VAL C 151 -10.75 -5.97 -11.24
N ASP C 152 -11.98 -5.81 -11.74
CA ASP C 152 -12.78 -6.94 -12.18
C ASP C 152 -13.21 -6.95 -13.64
N ASN C 153 -13.24 -5.79 -14.27
CA ASN C 153 -13.65 -5.74 -15.68
C ASN C 153 -12.50 -5.89 -16.68
N VAL C 154 -11.31 -6.25 -16.19
CA VAL C 154 -10.16 -6.46 -17.06
C VAL C 154 -10.23 -7.93 -17.48
N ILE C 155 -10.74 -8.16 -18.68
CA ILE C 155 -10.94 -9.50 -19.21
C ILE C 155 -9.81 -10.12 -20.04
N GLU C 156 -9.14 -9.30 -20.85
CA GLU C 156 -8.07 -9.80 -21.71
C GLU C 156 -6.68 -9.29 -21.37
N PHE C 157 -5.68 -9.99 -21.88
CA PHE C 157 -4.29 -9.63 -21.71
C PHE C 157 -3.57 -10.02 -22.99
N GLU C 158 -2.55 -9.26 -23.36
CA GLU C 158 -1.80 -9.53 -24.57
C GLU C 158 -0.50 -8.75 -24.56
N TYR C 159 0.58 -9.40 -24.98
CA TYR C 159 1.88 -8.76 -25.04
C TYR C 159 2.07 -8.07 -26.38
N PHE C 160 2.73 -6.91 -26.34
CA PHE C 160 3.05 -6.15 -27.52
C PHE C 160 4.18 -5.19 -27.15
N PRO C 161 5.30 -5.25 -27.88
CA PRO C 161 6.46 -4.40 -27.63
C PRO C 161 6.22 -2.94 -27.99
N ILE C 162 5.43 -2.26 -27.15
CA ILE C 162 5.07 -0.87 -27.35
C ILE C 162 6.24 0.10 -27.43
N GLU C 163 7.25 -0.10 -26.59
CA GLU C 163 8.40 0.80 -26.56
C GLU C 163 9.09 0.93 -27.92
N GLN C 164 8.78 0.04 -28.85
CA GLN C 164 9.40 0.13 -30.16
C GLN C 164 8.91 1.29 -31.03
N TYR C 165 7.91 2.02 -30.57
CA TYR C 165 7.39 3.14 -31.35
C TYR C 165 8.47 4.14 -31.74
N LYS C 166 9.52 4.22 -30.94
CA LYS C 166 10.59 5.15 -31.24
C LYS C 166 11.38 4.77 -32.49
N ILE C 167 11.70 3.48 -32.65
CA ILE C 167 12.46 3.08 -33.82
C ILE C 167 11.65 2.99 -35.10
N HIS C 168 10.39 2.60 -34.99
CA HIS C 168 9.54 2.48 -36.18
C HIS C 168 9.04 3.81 -36.71
N MET C 169 9.32 4.88 -35.98
CA MET C 169 8.90 6.22 -36.39
C MET C 169 9.54 6.53 -37.75
N ASN C 170 8.78 7.08 -38.69
CA ASN C 170 9.34 7.43 -39.99
C ASN C 170 10.49 8.42 -39.82
N ASP C 171 10.69 8.86 -38.60
CA ASP C 171 11.72 9.84 -38.27
C ASP C 171 13.08 9.20 -37.97
N PHE C 172 13.05 8.18 -37.12
CA PHE C 172 14.24 7.49 -36.67
C PHE C 172 15.44 7.45 -37.57
N GLN C 173 16.60 7.70 -36.96
CA GLN C 173 17.90 7.68 -37.64
C GLN C 173 18.95 7.32 -36.59
N LEU C 174 19.85 6.41 -36.91
CA LEU C 174 20.89 6.02 -35.96
C LEU C 174 21.82 7.21 -35.70
N SER C 175 22.50 7.19 -34.56
CA SER C 175 23.44 8.25 -34.23
C SER C 175 24.72 7.97 -35.00
N LYS C 176 25.34 9.01 -35.53
CA LYS C 176 26.59 8.86 -36.28
C LYS C 176 27.79 8.93 -35.35
N PRO C 177 28.94 8.36 -35.76
CA PRO C 177 30.18 8.37 -34.97
C PRO C 177 30.43 9.69 -34.24
N THR C 178 30.41 9.62 -32.91
CA THR C 178 30.61 10.78 -32.06
C THR C 178 31.97 10.82 -31.36
N LYS C 179 32.51 12.02 -31.17
CA LYS C 179 33.78 12.18 -30.49
C LYS C 179 33.55 11.81 -29.04
N LYS C 180 34.32 10.83 -28.56
CA LYS C 180 34.16 10.37 -27.20
C LYS C 180 34.83 11.28 -26.16
N THR C 181 34.07 11.58 -25.09
CA THR C 181 34.54 12.42 -24.00
C THR C 181 34.14 11.80 -22.66
N LEU C 182 33.56 10.61 -22.71
CA LEU C 182 33.12 9.90 -21.52
C LEU C 182 33.34 8.41 -21.73
N ASP C 183 33.71 7.70 -20.67
CA ASP C 183 33.93 6.26 -20.78
C ASP C 183 32.59 5.57 -20.59
N VAL C 184 31.81 6.07 -19.65
CA VAL C 184 30.50 5.50 -19.37
C VAL C 184 29.48 6.61 -19.15
N ILE C 185 28.22 6.29 -19.43
CA ILE C 185 27.12 7.24 -19.25
C ILE C 185 25.86 6.49 -18.86
N TYR C 186 24.98 7.16 -18.13
CA TYR C 186 23.73 6.55 -17.69
C TYR C 186 22.74 7.63 -17.29
N GLY C 187 21.50 7.49 -17.76
CA GLY C 187 20.47 8.46 -17.44
C GLY C 187 19.43 7.90 -16.50
N GLY C 188 18.72 8.78 -15.82
CA GLY C 188 17.69 8.35 -14.90
C GLY C 188 17.73 9.09 -13.58
N SER C 189 16.93 8.63 -12.63
CA SER C 189 16.86 9.23 -11.30
C SER C 189 16.95 8.12 -10.25
N PHE C 190 17.29 8.48 -9.01
CA PHE C 190 17.39 7.47 -7.96
C PHE C 190 16.08 7.30 -7.23
N ARG C 191 15.90 6.15 -6.60
CA ARG C 191 14.66 5.88 -5.87
C ARG C 191 14.91 5.53 -4.40
N SER C 192 15.48 4.35 -4.18
CA SER C 192 15.78 3.88 -2.83
C SER C 192 16.11 2.38 -2.83
N GLY C 193 16.38 1.85 -1.65
CA GLY C 193 16.70 0.43 -1.52
C GLY C 193 17.70 -0.08 -2.55
N GLN C 194 17.34 -1.14 -3.24
CA GLN C 194 18.21 -1.74 -4.24
C GLN C 194 18.45 -0.82 -5.43
N ARG C 195 17.55 0.12 -5.67
CA ARG C 195 17.69 1.05 -6.78
C ARG C 195 19.01 1.79 -6.61
N GLU C 196 19.26 2.25 -5.38
CA GLU C 196 20.48 2.96 -5.05
C GLU C 196 21.67 2.01 -5.01
N SER C 197 21.42 0.80 -4.51
CA SER C 197 22.45 -0.23 -4.44
C SER C 197 23.10 -0.36 -5.81
N LYS C 198 22.30 -0.82 -6.77
CA LYS C 198 22.75 -1.02 -8.15
C LYS C 198 23.44 0.19 -8.75
N MET C 199 22.82 1.36 -8.62
CA MET C 199 23.39 2.57 -9.18
C MET C 199 24.78 2.86 -8.64
N VAL C 200 25.07 2.35 -7.44
CA VAL C 200 26.37 2.55 -6.81
C VAL C 200 27.34 1.45 -7.23
N GLU C 201 26.81 0.24 -7.39
CA GLU C 201 27.61 -0.91 -7.80
C GLU C 201 28.18 -0.73 -9.19
N PHE C 202 27.47 -0.01 -10.06
CA PHE C 202 27.89 0.19 -11.44
C PHE C 202 28.43 1.56 -11.84
N LEU C 203 28.23 2.58 -11.01
CA LEU C 203 28.70 3.91 -11.37
C LEU C 203 29.63 4.59 -10.38
N PHE C 204 29.93 3.91 -9.27
CA PHE C 204 30.81 4.46 -8.25
C PHE C 204 32.08 3.64 -8.08
N ASP C 205 33.13 4.30 -7.57
CA ASP C 205 34.44 3.67 -7.34
C ASP C 205 34.85 2.75 -8.49
N THR C 206 34.85 3.29 -9.71
CA THR C 206 35.24 2.51 -10.88
C THR C 206 36.56 3.01 -11.44
N GLY C 207 36.84 4.30 -11.25
CA GLY C 207 38.07 4.88 -11.75
C GLY C 207 37.88 5.37 -13.16
N LEU C 208 36.73 5.00 -13.74
CA LEU C 208 36.38 5.40 -15.10
C LEU C 208 35.66 6.73 -15.05
N ASN C 209 35.82 7.53 -16.10
CA ASN C 209 35.17 8.82 -16.18
C ASN C 209 33.71 8.61 -16.57
N ILE C 210 32.84 8.48 -15.58
CA ILE C 210 31.42 8.24 -15.81
C ILE C 210 30.59 9.50 -15.60
N GLU C 211 29.51 9.59 -16.36
CA GLU C 211 28.59 10.73 -16.26
C GLU C 211 27.19 10.19 -15.93
N PHE C 212 26.45 10.97 -15.16
CA PHE C 212 25.11 10.58 -14.73
C PHE C 212 24.15 11.75 -14.94
N PHE C 213 23.31 11.67 -15.96
CA PHE C 213 22.36 12.75 -16.22
C PHE C 213 20.93 12.39 -15.83
N GLY C 214 20.12 13.42 -15.57
CA GLY C 214 18.74 13.21 -15.17
C GLY C 214 18.44 13.80 -13.81
N ASN C 215 17.41 13.27 -13.15
CA ASN C 215 17.01 13.74 -11.83
C ASN C 215 17.77 12.99 -10.74
N ALA C 216 19.02 13.39 -10.50
CA ALA C 216 19.82 12.74 -9.48
C ALA C 216 20.99 13.59 -9.01
N ARG C 217 21.22 13.58 -7.70
CA ARG C 217 22.30 14.32 -7.08
C ARG C 217 23.24 13.33 -6.39
N GLU C 218 24.37 13.83 -5.89
CA GLU C 218 25.36 12.95 -5.26
C GLU C 218 25.02 12.57 -3.81
N LYS C 219 24.64 13.54 -2.99
CA LYS C 219 24.32 13.30 -1.60
C LYS C 219 23.10 12.39 -1.39
N GLN C 220 22.27 12.28 -2.41
CA GLN C 220 21.06 11.46 -2.31
C GLN C 220 21.40 9.99 -2.03
N PHE C 221 22.69 9.68 -1.99
CA PHE C 221 23.14 8.31 -1.70
C PHE C 221 23.77 8.25 -0.30
N LYS C 222 22.98 7.78 0.67
CA LYS C 222 23.43 7.69 2.05
C LYS C 222 23.55 6.26 2.59
N ASN C 223 22.57 5.41 2.27
CA ASN C 223 22.57 4.02 2.74
C ASN C 223 23.95 3.41 2.94
N PRO C 224 24.34 3.21 4.21
CA PRO C 224 25.64 2.63 4.56
C PRO C 224 25.72 1.12 4.25
N LYS C 225 24.76 0.62 3.48
CA LYS C 225 24.75 -0.78 3.09
C LYS C 225 25.50 -0.91 1.77
N TYR C 226 25.67 0.23 1.10
CA TYR C 226 26.38 0.30 -0.17
C TYR C 226 27.27 1.54 -0.14
N PRO C 227 28.45 1.41 0.50
CA PRO C 227 29.42 2.51 0.63
C PRO C 227 30.20 2.83 -0.64
N TRP C 228 30.53 4.10 -0.80
CA TRP C 228 31.27 4.57 -1.96
C TRP C 228 32.29 5.64 -1.56
N THR C 229 33.37 5.75 -2.32
CA THR C 229 34.41 6.74 -2.05
C THR C 229 34.34 7.82 -3.13
N LYS C 230 34.56 7.41 -4.38
CA LYS C 230 34.51 8.34 -5.50
C LYS C 230 33.28 8.15 -6.38
N ALA C 231 32.39 9.16 -6.35
CA ALA C 231 31.16 9.14 -7.12
C ALA C 231 31.38 9.67 -8.54
N PRO C 232 30.48 9.30 -9.47
CA PRO C 232 30.59 9.75 -10.86
C PRO C 232 30.27 11.23 -10.94
N VAL C 233 30.21 11.76 -12.15
CA VAL C 233 29.90 13.17 -12.35
C VAL C 233 28.42 13.28 -12.71
N PHE C 234 27.68 14.08 -11.96
CA PHE C 234 26.26 14.26 -12.22
C PHE C 234 26.01 15.50 -13.10
N THR C 235 25.36 15.28 -14.24
CA THR C 235 25.06 16.35 -15.18
C THR C 235 23.60 16.81 -15.18
N GLY C 236 22.83 16.35 -14.20
CA GLY C 236 21.44 16.74 -14.12
C GLY C 236 20.64 16.46 -15.37
N LYS C 237 19.53 17.17 -15.54
CA LYS C 237 18.65 16.97 -16.69
C LYS C 237 19.20 17.50 -18.01
N ILE C 238 18.66 16.94 -19.10
CA ILE C 238 19.00 17.31 -20.46
C ILE C 238 17.66 17.36 -21.20
N PRO C 239 17.68 17.63 -22.52
CA PRO C 239 16.41 17.68 -23.25
C PRO C 239 15.60 16.39 -23.04
N MET C 240 14.41 16.34 -23.62
CA MET C 240 13.54 15.18 -23.45
C MET C 240 13.48 14.19 -24.60
N ASN C 241 14.39 14.32 -25.56
CA ASN C 241 14.41 13.40 -26.68
C ASN C 241 15.72 13.53 -27.40
N MET C 242 16.78 13.59 -26.61
CA MET C 242 18.14 13.70 -27.15
C MET C 242 19.02 12.73 -26.37
N VAL C 243 18.37 11.72 -25.80
CA VAL C 243 19.08 10.71 -25.02
C VAL C 243 20.11 9.99 -25.89
N SER C 244 19.71 9.64 -27.12
CA SER C 244 20.62 8.96 -28.03
C SER C 244 21.77 9.89 -28.36
N GLU C 245 21.45 11.15 -28.58
CA GLU C 245 22.45 12.17 -28.89
C GLU C 245 23.40 12.29 -27.71
N LYS C 246 22.85 12.19 -26.50
CA LYS C 246 23.62 12.27 -25.27
C LYS C 246 24.51 11.05 -25.06
N ASN C 247 23.90 9.87 -25.07
CA ASN C 247 24.65 8.62 -24.87
C ASN C 247 25.87 8.50 -25.77
N SER C 248 25.72 8.91 -27.02
CA SER C 248 26.82 8.81 -27.98
C SER C 248 28.08 9.51 -27.52
N GLN C 249 27.97 10.30 -26.45
CA GLN C 249 29.13 11.02 -25.94
C GLN C 249 30.11 10.07 -25.28
N ALA C 250 29.61 9.01 -24.65
CA ALA C 250 30.48 8.05 -23.98
C ALA C 250 30.90 6.92 -24.90
N ILE C 251 31.73 6.03 -24.39
CA ILE C 251 32.19 4.88 -25.15
C ILE C 251 31.15 3.80 -24.98
N ALA C 252 30.50 3.79 -23.83
CA ALA C 252 29.48 2.80 -23.53
C ALA C 252 28.37 3.38 -22.67
N ALA C 253 27.14 3.00 -22.95
CA ALA C 253 25.99 3.47 -22.19
C ALA C 253 25.54 2.30 -21.32
N LEU C 254 25.04 2.59 -20.12
CA LEU C 254 24.64 1.53 -19.21
C LEU C 254 23.13 1.35 -18.99
N ILE C 255 22.73 0.09 -18.85
CA ILE C 255 21.35 -0.28 -18.60
C ILE C 255 21.40 -1.12 -17.33
N ILE C 256 20.97 -0.56 -16.20
CA ILE C 256 21.01 -1.30 -14.93
C ILE C 256 19.69 -1.97 -14.56
N GLY C 257 19.80 -3.07 -13.81
CA GLY C 257 18.63 -3.83 -13.40
C GLY C 257 17.58 -3.08 -12.61
N ASP C 258 16.40 -3.69 -12.52
CA ASP C 258 15.26 -3.14 -11.79
C ASP C 258 14.19 -4.22 -11.58
N LYS C 259 13.85 -4.44 -10.31
CA LYS C 259 12.87 -5.45 -9.91
C LYS C 259 11.58 -5.47 -10.71
N ASN C 260 11.26 -4.34 -11.34
CA ASN C 260 10.03 -4.22 -12.12
C ASN C 260 10.12 -4.74 -13.56
N TYR C 261 11.23 -4.39 -14.22
CA TYR C 261 11.45 -4.75 -15.62
C TYR C 261 12.17 -6.09 -15.86
N ASN C 262 13.16 -6.39 -15.04
CA ASN C 262 13.94 -7.61 -15.17
C ASN C 262 13.21 -8.80 -15.80
N ASP C 263 13.71 -9.22 -16.97
CA ASP C 263 13.15 -10.35 -17.73
C ASP C 263 11.66 -10.20 -18.02
N ASN C 264 11.21 -8.97 -18.22
CA ASN C 264 9.80 -8.72 -18.50
C ASN C 264 9.59 -7.58 -19.49
N PHE C 265 9.97 -6.36 -19.08
CA PHE C 265 9.80 -5.17 -19.91
C PHE C 265 11.06 -4.67 -20.62
N ILE C 266 10.94 -4.42 -21.91
CA ILE C 266 12.04 -3.82 -22.67
C ILE C 266 11.61 -2.37 -22.61
N THR C 267 12.50 -1.48 -22.19
CA THR C 267 12.12 -0.07 -22.06
C THR C 267 12.57 0.80 -23.22
N LEU C 268 12.02 2.02 -23.24
CA LEU C 268 12.37 2.99 -24.26
C LEU C 268 13.89 3.16 -24.23
N ARG C 269 14.44 3.15 -23.02
CA ARG C 269 15.86 3.32 -22.80
C ARG C 269 16.70 2.39 -23.65
N VAL C 270 16.38 1.11 -23.58
CA VAL C 270 17.11 0.11 -24.35
C VAL C 270 17.30 0.59 -25.79
N TRP C 271 16.19 0.92 -26.47
CA TRP C 271 16.25 1.38 -27.85
C TRP C 271 16.95 2.72 -28.07
N GLU C 272 16.89 3.62 -27.09
CA GLU C 272 17.55 4.90 -27.27
C GLU C 272 19.07 4.74 -27.10
N THR C 273 19.48 3.71 -26.37
CA THR C 273 20.89 3.42 -26.14
C THR C 273 21.43 2.59 -27.28
N MET C 274 20.63 1.62 -27.72
CA MET C 274 21.03 0.74 -28.80
C MET C 274 21.15 1.53 -30.10
N ALA C 275 20.56 2.71 -30.13
CA ALA C 275 20.59 3.56 -31.30
C ALA C 275 21.72 4.58 -31.27
N SER C 276 22.38 4.71 -30.13
CA SER C 276 23.47 5.67 -29.96
C SER C 276 24.80 5.14 -30.48
N ASP C 277 25.80 6.03 -30.53
CA ASP C 277 27.12 5.64 -30.98
C ASP C 277 27.88 5.02 -29.82
N ALA C 278 27.21 4.89 -28.68
CA ALA C 278 27.80 4.29 -27.48
C ALA C 278 27.50 2.79 -27.41
N VAL C 279 28.48 2.01 -27.01
CA VAL C 279 28.28 0.57 -26.89
C VAL C 279 27.42 0.31 -25.67
N MET C 280 26.29 -0.34 -25.89
CA MET C 280 25.34 -0.63 -24.83
C MET C 280 25.70 -1.83 -23.96
N LEU C 281 25.99 -1.57 -22.69
CA LEU C 281 26.30 -2.64 -21.75
C LEU C 281 25.06 -2.85 -20.89
N ILE C 282 24.73 -4.11 -20.63
CA ILE C 282 23.51 -4.41 -19.87
C ILE C 282 23.72 -5.22 -18.60
N ASP C 283 22.97 -4.87 -17.55
CA ASP C 283 23.01 -5.60 -16.28
C ASP C 283 22.44 -6.98 -16.57
N GLU C 284 23.16 -8.03 -16.17
CA GLU C 284 22.72 -9.40 -16.41
C GLU C 284 21.32 -9.68 -15.88
N GLU C 285 20.93 -8.99 -14.81
CA GLU C 285 19.62 -9.21 -14.21
C GLU C 285 18.48 -8.64 -15.04
N PHE C 286 18.73 -7.50 -15.69
CA PHE C 286 17.70 -6.86 -16.51
C PHE C 286 17.18 -7.82 -17.59
N ASP C 287 18.10 -8.58 -18.18
CA ASP C 287 17.74 -9.54 -19.22
C ASP C 287 18.68 -10.73 -19.17
N THR C 288 18.34 -11.70 -18.34
CA THR C 288 19.16 -12.90 -18.18
C THR C 288 19.13 -13.80 -19.42
N LYS C 289 17.93 -14.12 -19.88
CA LYS C 289 17.75 -14.97 -21.04
C LYS C 289 18.43 -14.39 -22.29
N HIS C 290 18.97 -13.19 -22.16
CA HIS C 290 19.65 -12.53 -23.26
C HIS C 290 18.78 -12.35 -24.50
N ARG C 291 17.64 -11.68 -24.34
CA ARG C 291 16.71 -11.42 -25.44
C ARG C 291 17.17 -10.23 -26.27
N ILE C 292 17.58 -9.16 -25.60
CA ILE C 292 18.03 -7.95 -26.26
C ILE C 292 19.05 -8.27 -27.35
N ILE C 293 20.24 -8.68 -26.94
CA ILE C 293 21.28 -9.01 -27.92
C ILE C 293 21.78 -10.40 -27.58
N ASN C 294 22.10 -11.18 -28.61
CA ASN C 294 22.60 -12.53 -28.38
C ASN C 294 24.12 -12.52 -28.46
N ASP C 295 24.74 -12.08 -27.36
CA ASP C 295 26.20 -12.00 -27.30
C ASP C 295 26.57 -11.60 -25.87
N ALA C 296 27.27 -12.49 -25.17
CA ALA C 296 27.68 -12.26 -23.80
C ALA C 296 28.45 -10.97 -23.54
N ARG C 297 29.22 -10.52 -24.53
CA ARG C 297 30.03 -9.30 -24.38
C ARG C 297 29.29 -8.04 -23.99
N PHE C 298 28.02 -7.94 -24.33
CA PHE C 298 27.24 -6.76 -24.01
C PHE C 298 26.71 -6.76 -22.57
N TYR C 299 26.79 -7.90 -21.91
CA TYR C 299 26.30 -8.03 -20.55
C TYR C 299 27.39 -8.02 -19.47
N VAL C 300 27.02 -7.53 -18.28
CA VAL C 300 27.94 -7.46 -17.16
C VAL C 300 27.23 -7.90 -15.87
N ASN C 301 28.00 -8.26 -14.85
CA ASN C 301 27.40 -8.70 -13.58
C ASN C 301 27.57 -7.68 -12.46
N ASN C 302 28.77 -7.12 -12.34
CA ASN C 302 29.04 -6.17 -11.28
C ASN C 302 30.10 -5.15 -11.70
N ARG C 303 30.59 -4.40 -10.72
CA ARG C 303 31.61 -3.40 -10.99
C ARG C 303 32.83 -4.01 -11.67
N ALA C 304 33.11 -5.26 -11.34
CA ALA C 304 34.25 -5.96 -11.92
C ALA C 304 34.06 -6.13 -13.42
N GLU C 305 33.05 -6.89 -13.81
CA GLU C 305 32.78 -7.12 -15.22
C GLU C 305 32.72 -5.80 -15.99
N LEU C 306 32.10 -4.79 -15.38
CA LEU C 306 31.96 -3.48 -16.01
C LEU C 306 33.30 -2.86 -16.37
N ILE C 307 33.98 -2.29 -15.37
CA ILE C 307 35.27 -1.65 -15.58
C ILE C 307 36.14 -2.43 -16.56
N ASP C 308 36.12 -3.74 -16.44
CA ASP C 308 36.90 -4.60 -17.32
C ASP C 308 36.50 -4.39 -18.78
N ARG C 309 35.22 -4.58 -19.08
CA ARG C 309 34.68 -4.43 -20.44
C ARG C 309 34.92 -3.04 -21.01
N VAL C 310 34.75 -2.01 -20.18
CA VAL C 310 34.96 -0.64 -20.62
C VAL C 310 36.42 -0.45 -21.00
N ASN C 311 37.31 -1.15 -20.31
CA ASN C 311 38.74 -1.07 -20.61
C ASN C 311 39.01 -1.73 -21.97
N GLU C 312 38.43 -2.91 -22.18
CA GLU C 312 38.61 -3.63 -23.44
C GLU C 312 38.16 -2.79 -24.62
N LEU C 313 37.17 -1.92 -24.39
CA LEU C 313 36.64 -1.06 -25.43
C LEU C 313 37.52 0.17 -25.63
N LYS C 314 38.18 0.61 -24.56
CA LYS C 314 39.06 1.77 -24.62
C LYS C 314 40.39 1.39 -25.27
N HIS C 315 40.86 0.19 -24.96
CA HIS C 315 42.12 -0.29 -25.51
C HIS C 315 41.95 -1.00 -26.85
N SER C 316 40.75 -0.94 -27.41
CA SER C 316 40.50 -1.59 -28.69
C SER C 316 39.41 -0.87 -29.49
N ASP C 317 39.81 0.20 -30.16
CA ASP C 317 38.90 0.98 -30.99
C ASP C 317 38.28 0.06 -32.04
N VAL C 318 38.90 -1.10 -32.22
CA VAL C 318 38.42 -2.08 -33.19
C VAL C 318 37.29 -2.90 -32.58
N LEU C 319 37.44 -3.26 -31.31
CA LEU C 319 36.43 -4.03 -30.58
C LEU C 319 35.16 -3.19 -30.43
N ARG C 320 35.33 -1.93 -30.11
CA ARG C 320 34.23 -1.01 -29.93
C ARG C 320 33.35 -1.07 -31.17
N LYS C 321 33.92 -0.72 -32.31
CA LYS C 321 33.20 -0.73 -33.58
C LYS C 321 32.48 -2.04 -33.88
N GLU C 322 33.18 -3.16 -33.69
CA GLU C 322 32.59 -4.47 -33.94
C GLU C 322 31.31 -4.68 -33.14
N MET C 323 31.36 -4.38 -31.84
CA MET C 323 30.19 -4.55 -30.99
C MET C 323 29.15 -3.50 -31.34
N LEU C 324 29.62 -2.28 -31.58
CA LEU C 324 28.74 -1.18 -31.93
C LEU C 324 28.03 -1.58 -33.22
N SER C 325 28.76 -2.21 -34.13
CA SER C 325 28.20 -2.66 -35.39
C SER C 325 27.19 -3.78 -35.14
N ILE C 326 27.40 -4.55 -34.09
CA ILE C 326 26.48 -5.63 -33.76
C ILE C 326 25.11 -5.10 -33.27
N GLN C 327 25.13 -4.18 -32.32
CA GLN C 327 23.86 -3.66 -31.81
C GLN C 327 23.06 -2.91 -32.87
N HIS C 328 23.74 -2.25 -33.80
CA HIS C 328 23.04 -1.53 -34.86
C HIS C 328 22.40 -2.47 -35.86
N ASP C 329 23.03 -3.62 -36.10
CA ASP C 329 22.47 -4.59 -37.02
C ASP C 329 21.20 -5.16 -36.39
N ILE C 330 21.19 -5.31 -35.08
CA ILE C 330 20.02 -5.83 -34.38
C ILE C 330 18.85 -4.85 -34.51
N LEU C 331 19.13 -3.58 -34.24
CA LEU C 331 18.12 -2.54 -34.32
C LEU C 331 17.63 -2.46 -35.75
N ASN C 332 18.55 -2.56 -36.69
CA ASN C 332 18.23 -2.51 -38.10
C ASN C 332 17.33 -3.66 -38.52
N LYS C 333 17.57 -4.84 -37.97
CA LYS C 333 16.73 -5.97 -38.33
C LYS C 333 15.37 -5.82 -37.71
N THR C 334 15.30 -5.12 -36.58
CA THR C 334 14.01 -4.91 -35.94
C THR C 334 13.21 -3.88 -36.75
N ARG C 335 13.90 -2.82 -37.17
CA ARG C 335 13.26 -1.78 -37.95
C ARG C 335 12.76 -2.27 -39.30
N ALA C 336 13.51 -3.17 -39.95
CA ALA C 336 13.10 -3.67 -41.26
C ALA C 336 11.76 -4.42 -41.15
N LYS C 337 11.52 -5.05 -40.00
CA LYS C 337 10.29 -5.80 -39.77
C LYS C 337 9.17 -4.91 -39.22
N LYS C 338 9.22 -3.63 -39.56
CA LYS C 338 8.24 -2.64 -39.12
C LYS C 338 6.79 -3.04 -39.38
N ALA C 339 6.55 -3.66 -40.54
CA ALA C 339 5.21 -4.09 -40.90
C ALA C 339 4.69 -5.18 -39.98
N GLU C 340 5.57 -6.09 -39.57
CA GLU C 340 5.14 -7.14 -38.68
C GLU C 340 4.68 -6.54 -37.35
N TRP C 341 5.38 -5.47 -36.93
CA TRP C 341 5.08 -4.78 -35.68
C TRP C 341 3.72 -4.08 -35.78
N GLN C 342 3.55 -3.32 -36.86
CA GLN C 342 2.32 -2.60 -37.13
C GLN C 342 1.11 -3.55 -37.13
N ASP C 343 1.19 -4.59 -37.94
CA ASP C 343 0.09 -5.55 -38.02
C ASP C 343 -0.17 -6.18 -36.68
N ALA C 344 0.89 -6.37 -35.90
CA ALA C 344 0.75 -6.96 -34.57
C ALA C 344 -0.01 -5.97 -33.68
N PHE C 345 0.23 -4.68 -33.92
CA PHE C 345 -0.45 -3.67 -33.13
C PHE C 345 -1.93 -3.66 -33.47
N LYS C 346 -2.24 -3.70 -34.76
CA LYS C 346 -3.62 -3.68 -35.19
C LYS C 346 -4.38 -4.86 -34.61
N LYS C 347 -3.81 -6.05 -34.69
CA LYS C 347 -4.47 -7.22 -34.14
C LYS C 347 -4.67 -7.06 -32.63
N ALA C 348 -3.85 -6.21 -32.00
CA ALA C 348 -3.93 -5.96 -30.57
C ALA C 348 -5.18 -5.16 -30.22
N ILE C 349 -5.50 -4.17 -31.05
CA ILE C 349 -6.69 -3.37 -30.84
C ILE C 349 -7.83 -3.90 -31.70
N ASP C 350 -7.82 -5.23 -31.88
CA ASP C 350 -8.82 -5.97 -32.64
C ASP C 350 -9.24 -5.38 -33.99
N LEU C 351 -8.24 -5.16 -34.85
CA LEU C 351 -8.47 -4.63 -36.18
C LEU C 351 -8.08 -5.70 -37.21
N MET D 1 -21.10 18.27 34.51
CA MET D 1 -20.28 17.03 34.35
C MET D 1 -19.74 16.96 32.93
N LYS D 2 -18.61 17.62 32.71
CA LYS D 2 -17.98 17.68 31.41
C LYS D 2 -16.78 16.70 31.39
N ILE D 3 -16.85 15.71 30.50
CA ILE D 3 -15.81 14.69 30.38
C ILE D 3 -14.96 14.87 29.13
N ALA D 4 -13.66 14.64 29.26
CA ALA D 4 -12.76 14.76 28.14
C ALA D 4 -12.02 13.45 27.94
N ILE D 5 -11.97 12.98 26.70
CA ILE D 5 -11.27 11.74 26.38
C ILE D 5 -10.24 12.02 25.29
N ILE D 6 -9.04 11.52 25.47
CA ILE D 6 -7.99 11.72 24.48
C ILE D 6 -7.24 10.41 24.29
N ASN D 7 -6.54 10.30 23.17
CA ASN D 7 -5.71 9.14 22.94
C ASN D 7 -4.30 9.64 23.30
N MET D 8 -3.61 8.93 24.19
CA MET D 8 -2.31 9.40 24.61
C MET D 8 -1.20 9.47 23.59
N GLY D 9 -1.27 8.67 22.52
CA GLY D 9 -0.19 8.73 21.55
C GLY D 9 -0.58 8.56 20.10
N ASN D 10 -1.82 8.88 19.76
CA ASN D 10 -2.25 8.73 18.39
C ASN D 10 -3.18 9.84 17.98
N ASN D 11 -3.07 10.27 16.72
CA ASN D 11 -3.95 11.31 16.23
C ASN D 11 -5.34 10.71 16.10
N VAL D 12 -6.35 11.51 16.39
CA VAL D 12 -7.74 11.05 16.31
C VAL D 12 -8.46 11.90 15.26
N ILE D 13 -8.87 11.26 14.17
CA ILE D 13 -9.54 11.96 13.09
C ILE D 13 -10.71 11.17 12.53
N ASN D 14 -10.42 10.06 11.88
CA ASN D 14 -11.47 9.24 11.28
C ASN D 14 -11.42 7.80 11.80
N PHE D 15 -11.96 6.87 11.01
CA PHE D 15 -11.96 5.48 11.43
C PHE D 15 -10.93 4.65 10.66
N LYS D 16 -10.01 5.31 9.97
CA LYS D 16 -9.01 4.60 9.18
C LYS D 16 -7.83 3.97 9.94
N THR D 17 -7.74 4.22 11.25
CA THR D 17 -6.68 3.62 12.07
C THR D 17 -7.34 3.07 13.32
N VAL D 18 -6.81 1.96 13.81
CA VAL D 18 -7.35 1.34 15.00
C VAL D 18 -7.42 2.26 16.21
N PRO D 19 -6.28 2.84 16.64
CA PRO D 19 -6.40 3.71 17.81
C PRO D 19 -7.41 4.86 17.65
N SER D 20 -7.50 5.44 16.45
CA SER D 20 -8.42 6.54 16.25
C SER D 20 -9.88 6.10 16.31
N SER D 21 -10.23 5.04 15.58
CA SER D 21 -11.60 4.57 15.57
C SER D 21 -12.03 4.13 16.96
N GLU D 22 -11.13 3.54 17.73
CA GLU D 22 -11.49 3.11 19.07
C GLU D 22 -11.79 4.29 19.97
N THR D 23 -10.99 5.34 19.85
CA THR D 23 -11.18 6.53 20.66
C THR D 23 -12.52 7.17 20.33
N ILE D 24 -12.89 7.14 19.06
CA ILE D 24 -14.15 7.74 18.65
C ILE D 24 -15.32 6.87 19.11
N TYR D 25 -15.19 5.55 18.97
CA TYR D 25 -16.26 4.67 19.41
C TYR D 25 -16.44 4.77 20.91
N LEU D 26 -15.34 5.03 21.63
CA LEU D 26 -15.45 5.17 23.08
C LEU D 26 -16.20 6.47 23.38
N PHE D 27 -15.89 7.51 22.61
CA PHE D 27 -16.55 8.79 22.77
C PHE D 27 -18.06 8.66 22.45
N LYS D 28 -18.40 7.90 21.41
CA LYS D 28 -19.79 7.68 21.00
C LYS D 28 -20.61 6.89 22.03
N VAL D 29 -20.01 5.85 22.61
CA VAL D 29 -20.72 5.01 23.58
C VAL D 29 -20.83 5.72 24.93
N ILE D 30 -19.87 6.59 25.25
CA ILE D 30 -19.94 7.31 26.51
C ILE D 30 -21.03 8.37 26.34
N SER D 31 -21.10 8.98 25.16
CA SER D 31 -22.14 9.98 24.91
C SER D 31 -23.50 9.32 25.07
N GLU D 32 -23.71 8.19 24.39
CA GLU D 32 -24.98 7.48 24.45
C GLU D 32 -25.39 7.08 25.88
N MET D 33 -24.53 7.31 26.86
CA MET D 33 -24.79 6.98 28.25
C MET D 33 -25.46 8.19 28.91
N GLY D 34 -25.54 9.29 28.18
CA GLY D 34 -26.14 10.49 28.73
C GLY D 34 -25.08 11.35 29.39
N LEU D 35 -23.84 11.26 28.91
CA LEU D 35 -22.75 12.06 29.45
C LEU D 35 -22.26 13.09 28.42
N ASN D 36 -21.85 14.26 28.90
CA ASN D 36 -21.34 15.28 27.99
C ASN D 36 -19.85 15.03 27.84
N VAL D 37 -19.42 14.65 26.64
CA VAL D 37 -18.02 14.36 26.43
C VAL D 37 -17.42 14.88 25.13
N ASP D 38 -16.17 15.32 25.21
CA ASP D 38 -15.43 15.83 24.07
C ASP D 38 -14.21 14.97 23.85
N ILE D 39 -13.68 15.04 22.63
CA ILE D 39 -12.46 14.33 22.31
C ILE D 39 -11.47 15.44 22.01
N ILE D 40 -10.36 15.47 22.72
CA ILE D 40 -9.37 16.49 22.43
C ILE D 40 -8.24 15.78 21.70
N SER D 41 -7.77 16.38 20.62
CA SER D 41 -6.68 15.80 19.84
C SER D 41 -5.82 16.94 19.27
N LEU D 42 -4.97 16.64 18.29
CA LEU D 42 -4.10 17.68 17.74
C LEU D 42 -4.81 18.85 17.04
N LYS D 43 -5.96 18.60 16.43
CA LYS D 43 -6.67 19.66 15.73
C LYS D 43 -8.19 19.53 15.82
N ASN D 44 -8.87 20.58 15.37
CA ASN D 44 -10.33 20.60 15.34
C ASN D 44 -10.73 19.67 14.20
N GLY D 45 -11.77 18.89 14.43
CA GLY D 45 -12.23 17.97 13.40
C GLY D 45 -13.69 17.64 13.62
N VAL D 46 -14.20 16.68 12.88
CA VAL D 46 -15.58 16.27 13.01
C VAL D 46 -15.84 15.75 14.41
N TYR D 47 -14.88 15.08 14.99
CA TYR D 47 -15.07 14.52 16.32
C TYR D 47 -14.22 15.12 17.41
N THR D 48 -13.28 15.98 17.03
CA THR D 48 -12.37 16.51 18.01
C THR D 48 -12.18 18.01 18.13
N LYS D 49 -11.76 18.41 19.32
CA LYS D 49 -11.41 19.80 19.59
C LYS D 49 -9.90 19.75 19.74
N SER D 50 -9.25 20.88 19.52
CA SER D 50 -7.80 21.00 19.58
C SER D 50 -7.28 21.13 21.01
N PHE D 51 -6.09 20.58 21.26
CA PHE D 51 -5.46 20.70 22.58
C PHE D 51 -5.25 22.19 22.86
N ASP D 52 -4.89 22.93 21.81
CA ASP D 52 -4.62 24.36 21.89
C ASP D 52 -5.82 25.23 22.16
N GLU D 53 -7.02 24.69 21.92
CA GLU D 53 -8.21 25.50 22.10
C GLU D 53 -9.13 25.14 23.25
N VAL D 54 -8.57 24.54 24.30
CA VAL D 54 -9.37 24.19 25.47
C VAL D 54 -8.48 24.16 26.70
N ASP D 55 -9.06 24.42 27.86
CA ASP D 55 -8.28 24.34 29.08
C ASP D 55 -8.67 23.01 29.71
N VAL D 56 -7.72 22.12 29.82
CA VAL D 56 -7.96 20.79 30.37
C VAL D 56 -8.73 20.84 31.69
N ASN D 57 -8.68 21.97 32.37
CA ASN D 57 -9.40 22.06 33.62
C ASN D 57 -10.84 22.53 33.51
N ASP D 58 -11.38 22.47 32.30
CA ASP D 58 -12.77 22.82 32.06
C ASP D 58 -13.55 21.50 32.12
N TYR D 59 -12.82 20.41 32.32
CA TYR D 59 -13.41 19.07 32.40
C TYR D 59 -13.28 18.52 33.82
N ASP D 60 -14.29 17.77 34.25
CA ASP D 60 -14.32 17.17 35.59
C ASP D 60 -13.71 15.78 35.63
N ARG D 61 -13.57 15.18 34.45
CA ARG D 61 -13.02 13.86 34.31
C ARG D 61 -12.21 13.81 33.05
N LEU D 62 -10.98 13.33 33.16
CA LEU D 62 -10.13 13.21 32.00
C LEU D 62 -9.87 11.73 31.76
N ILE D 63 -10.34 11.21 30.63
CA ILE D 63 -10.12 9.80 30.29
C ILE D 63 -9.02 9.74 29.23
N VAL D 64 -8.03 8.89 29.45
CA VAL D 64 -6.93 8.73 28.52
C VAL D 64 -6.83 7.31 28.00
N VAL D 65 -7.01 7.13 26.70
CA VAL D 65 -6.90 5.82 26.06
C VAL D 65 -5.41 5.45 25.95
N ASN D 66 -5.01 4.28 26.43
CA ASN D 66 -3.61 3.90 26.36
C ASN D 66 -3.04 3.93 24.95
N SER D 67 -1.74 4.20 24.90
CA SER D 67 -1.00 4.25 23.65
C SER D 67 0.46 4.09 24.03
N SER D 68 1.32 3.87 23.06
CA SER D 68 2.75 3.72 23.34
C SER D 68 3.40 5.09 23.35
N ILE D 69 4.54 5.22 24.03
CA ILE D 69 5.24 6.50 24.07
C ILE D 69 6.56 6.47 23.31
N ASN D 70 6.77 5.41 22.53
CA ASN D 70 8.00 5.30 21.73
C ASN D 70 7.97 6.35 20.63
N PHE D 71 9.11 7.00 20.41
CA PHE D 71 9.25 8.01 19.39
C PHE D 71 9.86 7.38 18.13
N PHE D 72 9.05 7.21 17.10
CA PHE D 72 9.50 6.61 15.86
C PHE D 72 10.68 7.38 15.27
N GLY D 73 11.70 6.65 14.84
CA GLY D 73 12.87 7.27 14.27
C GLY D 73 13.44 8.38 15.13
N GLY D 74 13.23 8.27 16.44
CA GLY D 74 13.73 9.27 17.36
C GLY D 74 13.22 10.67 17.12
N LYS D 75 12.23 10.82 16.23
CA LYS D 75 11.66 12.12 15.93
C LYS D 75 10.51 12.48 16.87
N PRO D 76 10.25 13.78 17.04
CA PRO D 76 9.17 14.24 17.91
C PRO D 76 7.80 13.84 17.37
N ASN D 77 7.01 13.15 18.20
CA ASN D 77 5.67 12.75 17.81
C ASN D 77 4.75 13.71 18.57
N LEU D 78 4.09 14.60 17.85
CA LEU D 78 3.19 15.56 18.49
C LEU D 78 2.00 14.91 19.17
N ALA D 79 1.60 13.73 18.70
CA ALA D 79 0.46 13.06 19.30
C ALA D 79 0.77 12.71 20.75
N ILE D 80 1.98 12.22 20.99
CA ILE D 80 2.40 11.85 22.33
C ILE D 80 2.66 13.09 23.19
N LEU D 81 3.54 13.95 22.70
CA LEU D 81 3.92 15.15 23.43
C LEU D 81 2.77 16.06 23.78
N SER D 82 1.95 16.41 22.80
CA SER D 82 0.81 17.29 23.02
C SER D 82 -0.19 16.69 24.01
N ALA D 83 -0.39 15.39 23.93
CA ALA D 83 -1.31 14.72 24.84
C ALA D 83 -0.76 14.80 26.28
N GLN D 84 0.52 14.49 26.45
CA GLN D 84 1.09 14.55 27.78
C GLN D 84 1.20 15.97 28.32
N LYS D 85 1.39 16.93 27.42
CA LYS D 85 1.48 18.32 27.85
C LYS D 85 0.11 18.61 28.49
N PHE D 86 -0.94 18.18 27.81
CA PHE D 86 -2.30 18.36 28.24
C PHE D 86 -2.54 17.65 29.58
N MET D 87 -2.07 16.42 29.70
CA MET D 87 -2.24 15.67 30.93
C MET D 87 -1.54 16.33 32.10
N ALA D 88 -0.31 16.80 31.87
CA ALA D 88 0.46 17.43 32.92
C ALA D 88 -0.23 18.66 33.52
N LYS D 89 -1.02 19.35 32.72
CA LYS D 89 -1.71 20.56 33.18
C LYS D 89 -3.01 20.24 33.93
N TYR D 90 -3.41 18.97 33.93
CA TYR D 90 -4.64 18.58 34.60
C TYR D 90 -4.44 18.47 36.11
N LYS D 91 -5.24 19.20 36.87
CA LYS D 91 -5.12 19.20 38.34
C LYS D 91 -5.99 18.18 39.06
N SER D 92 -6.40 17.12 38.38
CA SER D 92 -7.26 16.14 39.01
C SER D 92 -6.89 14.70 38.63
N LYS D 93 -7.66 13.73 39.11
CA LYS D 93 -7.39 12.32 38.83
C LYS D 93 -7.59 11.97 37.35
N ILE D 94 -6.68 11.13 36.84
CA ILE D 94 -6.72 10.70 35.44
C ILE D 94 -7.12 9.24 35.28
N TYR D 95 -8.09 8.98 34.41
CA TYR D 95 -8.55 7.62 34.15
C TYR D 95 -7.91 7.05 32.88
N TYR D 96 -6.97 6.13 33.05
CA TYR D 96 -6.22 5.51 31.96
C TYR D 96 -6.92 4.21 31.51
N LEU D 97 -7.34 4.15 30.25
CA LEU D 97 -8.00 2.93 29.76
C LEU D 97 -6.91 1.98 29.26
N PHE D 98 -6.72 0.90 30.02
CA PHE D 98 -5.71 -0.07 29.70
C PHE D 98 -6.31 -1.20 28.88
N THR D 99 -6.20 -1.13 27.57
CA THR D 99 -6.78 -2.16 26.70
C THR D 99 -5.73 -3.03 26.03
N ASP D 100 -4.46 -2.68 26.20
CA ASP D 100 -3.38 -3.44 25.59
C ASP D 100 -2.24 -3.55 26.62
N ILE D 101 -1.98 -4.77 27.06
CA ILE D 101 -0.94 -5.04 28.05
C ILE D 101 0.40 -4.37 27.73
N ARG D 102 0.69 -4.23 26.44
CA ARG D 102 1.93 -3.61 25.98
C ARG D 102 1.93 -2.07 26.09
N LEU D 103 0.83 -1.48 26.54
CA LEU D 103 0.74 -0.02 26.61
C LEU D 103 0.43 0.58 27.98
N PRO D 104 1.21 0.23 29.01
CA PRO D 104 0.91 0.80 30.34
C PRO D 104 1.27 2.27 30.37
N PHE D 105 0.56 3.04 31.21
CA PHE D 105 0.87 4.45 31.29
C PHE D 105 2.37 4.59 31.50
N SER D 106 2.94 5.64 30.92
CA SER D 106 4.38 5.83 31.03
C SER D 106 4.69 7.31 30.81
N GLN D 107 5.62 7.86 31.57
CA GLN D 107 6.00 9.26 31.43
C GLN D 107 6.86 9.38 30.17
N SER D 108 6.71 10.46 29.43
CA SER D 108 7.51 10.66 28.24
C SER D 108 8.82 11.36 28.55
N TRP D 109 8.79 12.36 29.43
CA TRP D 109 9.98 13.14 29.77
C TRP D 109 11.30 12.37 29.79
N PRO D 110 11.37 11.25 30.53
CA PRO D 110 12.63 10.52 30.55
C PRO D 110 13.16 10.18 29.16
N ASN D 111 12.24 9.81 28.28
CA ASN D 111 12.58 9.42 26.93
C ASN D 111 12.75 10.62 26.02
N VAL D 112 12.56 11.81 26.57
CA VAL D 112 12.67 13.05 25.80
C VAL D 112 13.91 13.85 26.21
N LYS D 113 14.19 13.88 27.52
CA LYS D 113 15.31 14.64 28.06
C LYS D 113 16.67 14.29 27.47
N ASN D 114 16.81 13.08 26.93
CA ASN D 114 18.08 12.69 26.33
C ASN D 114 17.98 12.66 24.81
N ARG D 115 17.22 13.60 24.25
CA ARG D 115 17.06 13.67 22.80
C ARG D 115 17.64 14.95 22.24
N PRO D 116 18.11 14.92 20.99
CA PRO D 116 18.69 16.12 20.39
C PRO D 116 17.71 17.29 20.46
N TRP D 117 16.42 17.00 20.26
CA TRP D 117 15.38 18.02 20.31
C TRP D 117 14.83 18.29 21.72
N ALA D 118 15.52 17.81 22.75
CA ALA D 118 15.09 17.99 24.14
C ALA D 118 14.75 19.43 24.52
N TYR D 119 15.50 20.37 23.97
CA TYR D 119 15.30 21.78 24.26
C TYR D 119 13.88 22.26 24.00
N LEU D 120 13.16 21.54 23.15
CA LEU D 120 11.78 21.92 22.85
C LEU D 120 10.86 21.78 24.06
N TYR D 121 11.19 20.88 24.97
CA TYR D 121 10.34 20.65 26.14
C TYR D 121 11.09 20.68 27.47
N THR D 122 10.38 21.02 28.54
CA THR D 122 10.94 21.04 29.88
C THR D 122 10.20 19.97 30.69
N GLU D 123 10.82 19.52 31.77
CA GLU D 123 10.23 18.49 32.63
C GLU D 123 8.89 18.94 33.21
N GLU D 124 8.78 20.22 33.55
CA GLU D 124 7.55 20.76 34.12
C GLU D 124 6.42 20.75 33.10
N GLU D 125 6.79 20.72 31.84
CA GLU D 125 5.84 20.73 30.74
C GLU D 125 5.26 19.35 30.45
N LEU D 126 6.10 18.33 30.53
CA LEU D 126 5.69 16.97 30.23
C LEU D 126 5.44 16.05 31.42
N LEU D 127 6.09 16.30 32.55
CA LEU D 127 5.93 15.41 33.69
C LEU D 127 4.54 15.43 34.32
N ILE D 128 3.84 14.29 34.24
CA ILE D 128 2.49 14.14 34.77
C ILE D 128 2.51 13.78 36.25
N LYS D 129 2.01 14.67 37.09
CA LYS D 129 2.00 14.45 38.54
C LYS D 129 0.66 14.02 39.10
N SER D 130 -0.40 14.14 38.31
CA SER D 130 -1.72 13.75 38.77
C SER D 130 -1.81 12.29 39.15
N PRO D 131 -2.73 11.95 40.08
CA PRO D 131 -2.88 10.55 40.45
C PRO D 131 -3.57 9.88 39.28
N ILE D 132 -3.24 8.63 39.02
CA ILE D 132 -3.82 7.90 37.91
C ILE D 132 -4.47 6.60 38.34
N LYS D 133 -5.65 6.34 37.79
CA LYS D 133 -6.38 5.10 38.05
C LYS D 133 -6.40 4.34 36.72
N VAL D 134 -6.08 3.06 36.78
CA VAL D 134 -6.06 2.25 35.59
C VAL D 134 -7.35 1.42 35.51
N ILE D 135 -8.08 1.59 34.41
CA ILE D 135 -9.29 0.83 34.15
C ILE D 135 -8.76 -0.27 33.23
N SER D 136 -8.59 -1.47 33.77
CA SER D 136 -8.06 -2.58 32.98
C SER D 136 -9.09 -3.42 32.27
N GLN D 137 -8.86 -3.67 30.98
CA GLN D 137 -9.75 -4.48 30.17
C GLN D 137 -9.52 -5.92 30.56
N GLY D 138 -8.31 -6.21 31.03
CA GLY D 138 -7.98 -7.56 31.45
C GLY D 138 -8.50 -7.81 32.85
N ILE D 139 -9.22 -8.91 33.03
CA ILE D 139 -9.79 -9.23 34.33
C ILE D 139 -8.72 -9.47 35.43
N ASN D 140 -7.52 -9.85 35.01
CA ASN D 140 -6.41 -10.11 35.93
C ASN D 140 -5.70 -8.80 36.30
N LEU D 141 -6.08 -8.22 37.44
CA LEU D 141 -5.47 -6.95 37.86
C LEU D 141 -4.04 -7.08 38.35
N ASP D 142 -3.59 -8.31 38.56
CA ASP D 142 -2.21 -8.56 38.99
C ASP D 142 -1.32 -8.19 37.82
N ILE D 143 -1.69 -8.65 36.63
CA ILE D 143 -0.92 -8.35 35.43
C ILE D 143 -0.91 -6.84 35.21
N ALA D 144 -2.03 -6.19 35.47
CA ALA D 144 -2.12 -4.74 35.29
C ALA D 144 -1.19 -4.01 36.25
N LYS D 145 -1.09 -4.49 37.48
CA LYS D 145 -0.19 -3.85 38.45
C LYS D 145 1.25 -4.08 38.01
N ALA D 146 1.59 -5.32 37.68
CA ALA D 146 2.94 -5.63 37.23
C ALA D 146 3.43 -4.67 36.14
N ALA D 147 2.68 -4.56 35.04
CA ALA D 147 3.04 -3.69 33.94
C ALA D 147 3.20 -2.22 34.31
N HIS D 148 2.60 -1.81 35.42
CA HIS D 148 2.71 -0.42 35.86
C HIS D 148 3.61 -0.24 37.07
N LYS D 149 4.30 -1.29 37.50
CA LYS D 149 5.15 -1.18 38.69
C LYS D 149 6.29 -0.20 38.45
N LYS D 150 6.31 0.39 37.25
CA LYS D 150 7.34 1.36 36.86
C LYS D 150 6.94 2.82 37.14
N VAL D 151 5.65 3.06 37.39
CA VAL D 151 5.14 4.40 37.64
C VAL D 151 4.41 4.51 38.98
N ASP D 152 4.91 5.38 39.86
CA ASP D 152 4.31 5.52 41.18
C ASP D 152 3.06 6.38 41.36
N ASN D 153 2.64 7.12 40.34
CA ASN D 153 1.44 7.94 40.53
C ASN D 153 0.16 7.19 40.15
N VAL D 154 0.30 5.90 39.86
CA VAL D 154 -0.84 5.03 39.54
C VAL D 154 -1.31 4.50 40.89
N ILE D 155 -2.49 4.89 41.32
CA ILE D 155 -2.97 4.48 42.64
C ILE D 155 -4.24 3.63 42.75
N GLU D 156 -4.90 3.38 41.63
CA GLU D 156 -6.11 2.57 41.63
C GLU D 156 -6.10 1.68 40.39
N PHE D 157 -6.59 0.46 40.54
CA PHE D 157 -6.67 -0.49 39.46
C PHE D 157 -8.06 -1.11 39.51
N GLU D 158 -8.75 -1.14 38.38
CA GLU D 158 -10.08 -1.72 38.35
C GLU D 158 -10.36 -2.39 37.01
N TYR D 159 -11.04 -3.53 37.08
CA TYR D 159 -11.37 -4.24 35.87
C TYR D 159 -12.69 -3.76 35.27
N PHE D 160 -12.67 -3.46 33.98
CA PHE D 160 -13.87 -3.05 33.27
C PHE D 160 -13.78 -3.52 31.84
N PRO D 161 -14.76 -4.33 31.41
CA PRO D 161 -14.79 -4.86 30.04
C PRO D 161 -15.06 -3.82 28.97
N ILE D 162 -14.08 -2.93 28.80
CA ILE D 162 -14.12 -1.86 27.83
C ILE D 162 -14.50 -2.28 26.40
N GLU D 163 -13.92 -3.37 25.93
CA GLU D 163 -14.15 -3.81 24.57
C GLU D 163 -15.60 -4.17 24.25
N GLN D 164 -16.46 -4.13 25.25
CA GLN D 164 -17.87 -4.45 25.02
C GLN D 164 -18.61 -3.28 24.39
N TYR D 165 -17.90 -2.19 24.12
CA TYR D 165 -18.54 -1.03 23.52
C TYR D 165 -19.08 -1.33 22.13
N LYS D 166 -18.51 -2.34 21.47
CA LYS D 166 -18.94 -2.72 20.13
C LYS D 166 -20.34 -3.34 20.12
N ILE D 167 -20.76 -3.98 21.21
CA ILE D 167 -22.07 -4.59 21.24
C ILE D 167 -23.10 -3.74 21.97
N HIS D 168 -22.64 -2.74 22.71
CA HIS D 168 -23.55 -1.86 23.45
C HIS D 168 -23.88 -0.56 22.72
N MET D 169 -23.28 -0.39 21.54
CA MET D 169 -23.50 0.79 20.70
C MET D 169 -24.98 0.79 20.31
N ASN D 170 -25.64 1.93 20.39
CA ASN D 170 -27.06 2.00 20.06
C ASN D 170 -27.42 1.38 18.73
N ASP D 171 -26.57 1.59 17.73
CA ASP D 171 -26.84 1.06 16.40
C ASP D 171 -26.34 -0.36 16.19
N PHE D 172 -26.09 -1.10 17.28
CA PHE D 172 -25.61 -2.46 17.11
C PHE D 172 -26.62 -3.34 16.38
N GLN D 173 -26.13 -4.16 15.45
CA GLN D 173 -26.98 -5.02 14.65
C GLN D 173 -26.31 -6.38 14.43
N LEU D 174 -27.06 -7.45 14.65
CA LEU D 174 -26.54 -8.79 14.45
C LEU D 174 -26.44 -8.98 12.95
N SER D 175 -25.44 -9.73 12.50
CA SER D 175 -25.30 -10.00 11.08
C SER D 175 -26.48 -10.88 10.69
N LYS D 176 -26.89 -10.79 9.43
CA LYS D 176 -28.01 -11.58 8.94
C LYS D 176 -27.45 -12.76 8.15
N PRO D 177 -28.25 -13.83 7.98
CA PRO D 177 -27.74 -14.97 7.21
C PRO D 177 -27.11 -14.43 5.93
N THR D 178 -26.00 -15.04 5.53
CA THR D 178 -25.26 -14.60 4.35
C THR D 178 -24.84 -15.73 3.41
N LYS D 179 -24.70 -15.40 2.14
CA LYS D 179 -24.26 -16.36 1.13
C LYS D 179 -22.79 -16.60 1.41
N LYS D 180 -22.43 -17.85 1.69
CA LYS D 180 -21.05 -18.17 2.01
C LYS D 180 -20.14 -18.31 0.78
N THR D 181 -18.88 -17.91 0.93
CA THR D 181 -17.92 -18.00 -0.15
C THR D 181 -16.54 -18.37 0.38
N LEU D 182 -16.43 -18.55 1.69
CA LEU D 182 -15.17 -18.92 2.33
C LEU D 182 -15.46 -19.98 3.38
N ASP D 183 -14.50 -20.86 3.62
CA ASP D 183 -14.70 -21.87 4.64
C ASP D 183 -14.32 -21.21 5.97
N VAL D 184 -13.12 -20.65 6.02
CA VAL D 184 -12.64 -19.99 7.22
C VAL D 184 -12.05 -18.63 6.89
N ILE D 185 -12.30 -17.67 7.78
CA ILE D 185 -11.77 -16.33 7.58
C ILE D 185 -11.10 -15.82 8.85
N TYR D 186 -10.05 -15.03 8.67
CA TYR D 186 -9.34 -14.48 9.79
C TYR D 186 -8.81 -13.10 9.46
N GLY D 187 -9.10 -12.14 10.33
CA GLY D 187 -8.64 -10.78 10.13
C GLY D 187 -7.56 -10.43 11.13
N GLY D 188 -6.49 -9.80 10.64
CA GLY D 188 -5.41 -9.43 11.53
C GLY D 188 -4.20 -8.84 10.83
N SER D 189 -3.06 -8.97 11.48
CA SER D 189 -1.81 -8.46 10.93
C SER D 189 -0.75 -9.53 11.18
N PHE D 190 0.43 -9.36 10.60
CA PHE D 190 1.50 -10.30 10.81
C PHE D 190 2.23 -9.97 12.10
N ARG D 191 2.67 -11.02 12.80
CA ARG D 191 3.42 -10.85 14.03
C ARG D 191 4.35 -12.04 14.14
N SER D 192 5.65 -11.76 14.23
CA SER D 192 6.66 -12.81 14.32
C SER D 192 6.61 -13.54 15.66
N GLY D 193 7.26 -14.70 15.72
CA GLY D 193 7.28 -15.48 16.93
C GLY D 193 6.13 -16.47 17.01
N GLN D 194 5.63 -16.71 18.21
CA GLN D 194 4.54 -17.64 18.42
C GLN D 194 3.34 -17.25 17.56
N ARG D 195 3.19 -15.95 17.31
CA ARG D 195 2.08 -15.49 16.49
C ARG D 195 2.21 -16.01 15.06
N GLU D 196 3.43 -16.17 14.56
CA GLU D 196 3.58 -16.69 13.20
C GLU D 196 3.23 -18.17 13.21
N SER D 197 3.76 -18.87 14.20
CA SER D 197 3.50 -20.30 14.37
C SER D 197 2.00 -20.57 14.41
N LYS D 198 1.30 -19.85 15.27
CA LYS D 198 -0.14 -20.01 15.42
C LYS D 198 -0.87 -19.81 14.11
N MET D 199 -0.51 -18.77 13.37
CA MET D 199 -1.19 -18.51 12.11
C MET D 199 -0.91 -19.54 11.03
N VAL D 200 0.33 -19.99 10.91
CA VAL D 200 0.63 -21.01 9.91
C VAL D 200 -0.13 -22.28 10.28
N GLU D 201 -0.29 -22.51 11.58
CA GLU D 201 -0.98 -23.69 12.09
C GLU D 201 -2.46 -23.77 11.68
N PHE D 202 -3.17 -22.66 11.84
CA PHE D 202 -4.61 -22.63 11.56
C PHE D 202 -5.00 -22.13 10.18
N LEU D 203 -4.17 -21.30 9.57
CA LEU D 203 -4.51 -20.74 8.27
C LEU D 203 -3.83 -21.34 7.05
N PHE D 204 -2.67 -21.95 7.24
CA PHE D 204 -1.93 -22.51 6.11
C PHE D 204 -2.06 -24.03 5.94
N ASP D 205 -2.02 -24.48 4.69
CA ASP D 205 -2.11 -25.90 4.39
C ASP D 205 -3.29 -26.59 5.05
N THR D 206 -4.43 -25.92 5.13
CA THR D 206 -5.59 -26.54 5.75
C THR D 206 -6.37 -27.39 4.75
N GLY D 207 -6.22 -27.04 3.48
CA GLY D 207 -6.94 -27.74 2.44
C GLY D 207 -8.30 -27.07 2.24
N LEU D 208 -8.56 -26.07 3.09
CA LEU D 208 -9.81 -25.32 3.06
C LEU D 208 -9.58 -23.97 2.38
N ASN D 209 -10.66 -23.37 1.90
CA ASN D 209 -10.61 -22.08 1.28
C ASN D 209 -10.62 -21.05 2.41
N ILE D 210 -9.46 -20.45 2.68
CA ILE D 210 -9.31 -19.47 3.75
C ILE D 210 -8.87 -18.10 3.27
N GLU D 211 -9.42 -17.05 3.88
CA GLU D 211 -9.03 -15.70 3.53
C GLU D 211 -8.47 -15.01 4.77
N PHE D 212 -7.29 -14.42 4.63
CA PHE D 212 -6.62 -13.69 5.71
C PHE D 212 -6.72 -12.22 5.32
N PHE D 213 -7.63 -11.46 5.93
CA PHE D 213 -7.74 -10.06 5.58
C PHE D 213 -7.11 -9.18 6.63
N GLY D 214 -6.77 -7.96 6.23
CA GLY D 214 -6.12 -7.04 7.14
C GLY D 214 -4.85 -6.44 6.58
N ASN D 215 -3.77 -6.47 7.37
CA ASN D 215 -2.47 -5.91 7.01
C ASN D 215 -1.37 -6.92 6.72
N ALA D 216 -1.69 -8.21 6.86
CA ALA D 216 -0.68 -9.23 6.63
C ALA D 216 -0.40 -9.39 5.15
N ARG D 217 0.84 -9.75 4.85
CA ARG D 217 1.27 -10.00 3.49
C ARG D 217 1.87 -11.40 3.50
N GLU D 218 1.54 -12.20 2.49
CA GLU D 218 2.06 -13.56 2.43
C GLU D 218 3.57 -13.64 2.68
N LYS D 219 4.32 -12.79 2.01
CA LYS D 219 5.78 -12.79 2.14
C LYS D 219 6.38 -12.44 3.51
N GLN D 220 5.55 -12.27 4.54
CA GLN D 220 6.09 -11.96 5.87
C GLN D 220 6.32 -13.28 6.64
N PHE D 221 5.75 -14.36 6.12
CA PHE D 221 5.89 -15.67 6.74
C PHE D 221 7.06 -16.40 6.09
N LYS D 222 8.26 -16.19 6.63
CA LYS D 222 9.48 -16.79 6.09
C LYS D 222 10.21 -17.69 7.07
N ASN D 223 9.96 -17.53 8.36
CA ASN D 223 10.64 -18.33 9.37
C ASN D 223 10.68 -19.82 9.03
N PRO D 224 11.88 -20.40 8.91
CA PRO D 224 12.04 -21.82 8.59
C PRO D 224 11.48 -22.77 9.65
N LYS D 225 11.27 -22.27 10.86
CA LYS D 225 10.72 -23.08 11.95
C LYS D 225 9.27 -23.46 11.67
N TYR D 226 8.55 -22.57 11.01
CA TYR D 226 7.11 -22.75 10.74
C TYR D 226 6.81 -22.76 9.25
N PRO D 227 7.39 -23.71 8.51
CA PRO D 227 7.22 -23.86 7.06
C PRO D 227 5.81 -24.11 6.56
N TRP D 228 5.60 -23.83 5.28
CA TRP D 228 4.30 -24.02 4.64
C TRP D 228 4.43 -24.11 3.13
N THR D 229 3.41 -24.69 2.51
CA THR D 229 3.38 -24.80 1.06
C THR D 229 2.22 -23.98 0.53
N LYS D 230 1.01 -24.29 0.99
CA LYS D 230 -0.22 -23.62 0.56
C LYS D 230 -0.71 -22.55 1.54
N ALA D 231 -0.54 -21.28 1.16
CA ALA D 231 -0.97 -20.18 1.99
C ALA D 231 -2.41 -19.77 1.70
N PRO D 232 -3.04 -19.07 2.66
CA PRO D 232 -4.42 -18.63 2.48
C PRO D 232 -4.37 -17.36 1.62
N VAL D 233 -5.51 -16.92 1.10
CA VAL D 233 -5.55 -15.70 0.28
C VAL D 233 -5.49 -14.48 1.19
N PHE D 234 -4.65 -13.50 0.86
CA PHE D 234 -4.55 -12.29 1.66
C PHE D 234 -5.38 -11.15 1.08
N THR D 235 -5.96 -10.33 1.95
CA THR D 235 -6.82 -9.24 1.51
C THR D 235 -6.51 -7.95 2.26
N GLY D 236 -6.83 -6.82 1.65
CA GLY D 236 -6.58 -5.52 2.25
C GLY D 236 -7.43 -5.29 3.46
N LYS D 237 -7.11 -4.27 4.25
CA LYS D 237 -7.89 -4.06 5.46
C LYS D 237 -9.34 -3.69 5.19
N ILE D 238 -10.13 -3.69 6.26
CA ILE D 238 -11.55 -3.37 6.17
C ILE D 238 -12.02 -2.47 7.31
N PRO D 239 -12.95 -1.54 7.01
CA PRO D 239 -13.51 -0.59 7.97
C PRO D 239 -14.03 -1.26 9.24
N MET D 240 -13.83 -0.59 10.38
CA MET D 240 -14.27 -1.08 11.67
C MET D 240 -15.71 -1.57 11.67
N ASN D 241 -16.59 -0.79 11.07
CA ASN D 241 -18.01 -1.12 11.04
C ASN D 241 -18.37 -2.12 9.93
N MET D 242 -17.36 -2.78 9.37
CA MET D 242 -17.65 -3.75 8.30
C MET D 242 -17.14 -5.14 8.67
N VAL D 243 -16.33 -5.21 9.72
CA VAL D 243 -15.74 -6.47 10.17
C VAL D 243 -16.72 -7.62 10.31
N SER D 244 -17.85 -7.39 10.96
CA SER D 244 -18.82 -8.45 11.13
C SER D 244 -19.44 -8.90 9.80
N GLU D 245 -19.64 -7.98 8.87
CA GLU D 245 -20.21 -8.39 7.59
C GLU D 245 -19.13 -9.10 6.78
N LYS D 246 -17.86 -8.72 6.98
CA LYS D 246 -16.75 -9.37 6.31
C LYS D 246 -16.64 -10.82 6.83
N ASN D 247 -16.66 -10.98 8.16
CA ASN D 247 -16.59 -12.30 8.78
C ASN D 247 -17.77 -13.18 8.34
N SER D 248 -18.94 -12.57 8.25
CA SER D 248 -20.15 -13.29 7.86
C SER D 248 -20.06 -14.00 6.51
N GLN D 249 -19.08 -13.63 5.70
CA GLN D 249 -18.94 -14.26 4.40
C GLN D 249 -18.31 -15.63 4.48
N ALA D 250 -17.98 -16.07 5.69
CA ALA D 250 -17.37 -17.37 5.87
C ALA D 250 -18.17 -18.29 6.77
N ILE D 251 -18.01 -19.59 6.59
CA ILE D 251 -18.73 -20.54 7.42
C ILE D 251 -18.22 -20.40 8.85
N ALA D 252 -16.91 -20.21 8.98
CA ALA D 252 -16.27 -20.08 10.28
C ALA D 252 -15.21 -18.98 10.33
N ALA D 253 -15.18 -18.26 11.44
CA ALA D 253 -14.20 -17.18 11.65
C ALA D 253 -13.41 -17.62 12.85
N LEU D 254 -12.09 -17.49 12.78
CA LEU D 254 -11.23 -17.95 13.85
C LEU D 254 -10.67 -16.89 14.80
N ILE D 255 -10.54 -17.25 16.08
CA ILE D 255 -9.93 -16.38 17.09
C ILE D 255 -8.67 -17.15 17.47
N ILE D 256 -7.49 -16.57 17.21
CA ILE D 256 -6.22 -17.23 17.53
C ILE D 256 -5.68 -16.84 18.91
N GLY D 257 -4.93 -17.73 19.53
CA GLY D 257 -4.37 -17.45 20.84
C GLY D 257 -3.24 -16.43 20.86
N ASP D 258 -3.04 -15.77 22.00
CA ASP D 258 -2.00 -14.78 22.13
C ASP D 258 -1.60 -14.54 23.59
N LYS D 259 -0.30 -14.70 23.85
CA LYS D 259 0.28 -14.54 25.19
C LYS D 259 -0.13 -13.24 25.91
N ASN D 260 -0.52 -12.23 25.15
CA ASN D 260 -0.92 -10.97 25.75
C ASN D 260 -2.42 -10.83 26.03
N TYR D 261 -3.18 -11.88 25.72
CA TYR D 261 -4.63 -11.86 25.93
C TYR D 261 -5.15 -13.09 26.69
N ASN D 262 -4.67 -14.26 26.29
CA ASN D 262 -5.05 -15.54 26.86
C ASN D 262 -5.54 -15.58 28.30
N ASP D 263 -6.81 -15.94 28.47
CA ASP D 263 -7.43 -16.04 29.78
C ASP D 263 -7.43 -14.74 30.57
N ASN D 264 -7.21 -13.62 29.89
CA ASN D 264 -7.19 -12.34 30.59
C ASN D 264 -8.07 -11.29 29.89
N PHE D 265 -7.75 -10.98 28.65
CA PHE D 265 -8.54 -10.00 27.89
C PHE D 265 -9.55 -10.62 26.92
N ILE D 266 -10.75 -10.06 26.90
CA ILE D 266 -11.71 -10.48 25.90
C ILE D 266 -11.40 -9.36 24.91
N THR D 267 -11.33 -9.66 23.63
CA THR D 267 -10.98 -8.62 22.66
C THR D 267 -12.13 -8.21 21.76
N LEU D 268 -11.91 -7.11 21.04
CA LEU D 268 -12.90 -6.59 20.12
C LEU D 268 -13.25 -7.66 19.07
N ARG D 269 -12.25 -8.41 18.63
CA ARG D 269 -12.46 -9.44 17.63
C ARG D 269 -13.45 -10.51 18.08
N VAL D 270 -13.42 -10.86 19.36
CA VAL D 270 -14.32 -11.86 19.85
C VAL D 270 -15.75 -11.46 19.56
N TRP D 271 -16.09 -10.22 19.92
CA TRP D 271 -17.44 -9.70 19.70
C TRP D 271 -17.75 -9.53 18.21
N GLU D 272 -16.79 -9.00 17.45
CA GLU D 272 -16.98 -8.79 16.02
C GLU D 272 -17.27 -10.11 15.34
N THR D 273 -16.63 -11.16 15.83
CA THR D 273 -16.81 -12.48 15.25
C THR D 273 -18.11 -13.13 15.72
N MET D 274 -18.35 -13.10 17.03
CA MET D 274 -19.53 -13.69 17.63
C MET D 274 -20.80 -13.06 17.07
N ALA D 275 -20.68 -11.83 16.61
CA ALA D 275 -21.82 -11.11 16.06
C ALA D 275 -22.07 -11.40 14.60
N SER D 276 -21.08 -11.93 13.90
CA SER D 276 -21.27 -12.21 12.47
C SER D 276 -22.08 -13.48 12.18
N ASP D 277 -22.25 -13.79 10.89
CA ASP D 277 -22.98 -14.98 10.50
C ASP D 277 -22.01 -16.15 10.41
N ALA D 278 -20.76 -15.90 10.80
CA ALA D 278 -19.71 -16.92 10.80
C ALA D 278 -19.68 -17.56 12.19
N VAL D 279 -19.53 -18.88 12.19
CA VAL D 279 -19.45 -19.60 13.45
C VAL D 279 -18.10 -19.26 14.02
N MET D 280 -18.10 -18.86 15.29
CA MET D 280 -16.87 -18.48 15.97
C MET D 280 -16.07 -19.68 16.52
N LEU D 281 -14.92 -19.95 15.91
CA LEU D 281 -14.07 -21.05 16.37
C LEU D 281 -12.92 -20.42 17.13
N ILE D 282 -12.78 -20.84 18.39
CA ILE D 282 -11.78 -20.29 19.29
C ILE D 282 -10.63 -21.21 19.66
N ASP D 283 -9.41 -20.67 19.55
CA ASP D 283 -8.16 -21.37 19.91
C ASP D 283 -8.23 -21.63 21.41
N GLU D 284 -8.30 -22.90 21.79
CA GLU D 284 -8.36 -23.31 23.20
C GLU D 284 -7.44 -22.48 24.11
N GLU D 285 -6.23 -22.19 23.64
CA GLU D 285 -5.27 -21.39 24.41
C GLU D 285 -5.77 -20.00 24.77
N PHE D 286 -6.61 -19.44 23.92
CA PHE D 286 -7.14 -18.11 24.15
C PHE D 286 -8.06 -18.04 25.35
N ASP D 287 -8.79 -19.12 25.59
CA ASP D 287 -9.75 -19.18 26.67
C ASP D 287 -9.86 -20.60 27.23
N THR D 288 -8.86 -21.01 28.01
CA THR D 288 -8.82 -22.36 28.58
C THR D 288 -10.05 -22.81 29.37
N LYS D 289 -10.66 -21.91 30.12
CA LYS D 289 -11.83 -22.24 30.93
C LYS D 289 -13.15 -22.17 30.14
N HIS D 290 -13.08 -21.70 28.90
CA HIS D 290 -14.26 -21.53 28.05
C HIS D 290 -15.23 -20.51 28.62
N ARG D 291 -14.69 -19.38 29.06
CA ARG D 291 -15.49 -18.30 29.62
C ARG D 291 -16.40 -17.73 28.53
N ILE D 292 -15.89 -17.69 27.30
CA ILE D 292 -16.63 -17.13 26.18
C ILE D 292 -17.94 -17.84 25.84
N ILE D 293 -17.84 -19.12 25.50
CA ILE D 293 -19.02 -19.92 25.16
C ILE D 293 -18.85 -21.27 25.83
N ASN D 294 -19.84 -21.66 26.62
CA ASN D 294 -19.78 -22.91 27.33
C ASN D 294 -20.19 -24.10 26.46
N ASP D 295 -19.40 -24.36 25.42
CA ASP D 295 -19.67 -25.45 24.49
C ASP D 295 -18.34 -25.82 23.83
N ALA D 296 -17.86 -27.02 24.09
CA ALA D 296 -16.58 -27.48 23.53
C ALA D 296 -16.45 -27.42 22.01
N ARG D 297 -17.56 -27.55 21.30
CA ARG D 297 -17.54 -27.53 19.84
C ARG D 297 -16.97 -26.24 19.22
N PHE D 298 -17.05 -25.14 19.97
CA PHE D 298 -16.54 -23.88 19.47
C PHE D 298 -15.02 -23.75 19.63
N TYR D 299 -14.38 -24.77 20.20
CA TYR D 299 -12.94 -24.69 20.41
C TYR D 299 -12.09 -25.66 19.60
N VAL D 300 -10.88 -25.22 19.23
CA VAL D 300 -9.94 -26.06 18.48
C VAL D 300 -8.55 -25.88 19.09
N ASN D 301 -7.75 -26.94 19.04
CA ASN D 301 -6.41 -26.92 19.61
C ASN D 301 -5.32 -26.94 18.56
N ASN D 302 -5.62 -27.50 17.40
CA ASN D 302 -4.64 -27.61 16.33
C ASN D 302 -5.30 -27.57 14.97
N ARG D 303 -4.49 -27.79 13.94
CA ARG D 303 -4.95 -27.79 12.56
C ARG D 303 -5.93 -28.92 12.24
N ALA D 304 -5.67 -30.10 12.77
CA ALA D 304 -6.54 -31.25 12.54
C ALA D 304 -7.95 -30.97 13.07
N GLU D 305 -8.04 -30.42 14.27
CA GLU D 305 -9.33 -30.13 14.85
C GLU D 305 -10.05 -29.04 14.08
N LEU D 306 -9.32 -28.02 13.67
CA LEU D 306 -9.94 -26.93 12.93
C LEU D 306 -10.51 -27.47 11.62
N ILE D 307 -9.70 -28.23 10.89
CA ILE D 307 -10.13 -28.82 9.62
C ILE D 307 -11.36 -29.72 9.80
N ASP D 308 -11.33 -30.56 10.83
CA ASP D 308 -12.41 -31.48 11.13
C ASP D 308 -13.71 -30.75 11.51
N ARG D 309 -13.59 -29.73 12.35
CA ARG D 309 -14.75 -28.98 12.79
C ARG D 309 -15.35 -28.18 11.65
N VAL D 310 -14.50 -27.62 10.80
CA VAL D 310 -15.00 -26.82 9.69
C VAL D 310 -15.70 -27.70 8.65
N ASN D 311 -15.17 -28.88 8.42
CA ASN D 311 -15.81 -29.77 7.46
C ASN D 311 -17.17 -30.26 8.01
N GLU D 312 -17.27 -30.41 9.34
CA GLU D 312 -18.55 -30.85 9.90
C GLU D 312 -19.55 -29.74 9.63
N LEU D 313 -19.08 -28.50 9.66
CA LEU D 313 -19.93 -27.34 9.43
C LEU D 313 -20.32 -27.11 7.98
N LYS D 314 -19.39 -27.33 7.05
CA LYS D 314 -19.73 -27.11 5.65
C LYS D 314 -20.68 -28.14 5.07
N HIS D 315 -20.85 -29.26 5.75
CA HIS D 315 -21.78 -30.27 5.26
C HIS D 315 -23.13 -30.19 5.97
N SER D 316 -23.09 -29.89 7.25
CA SER D 316 -24.29 -29.83 8.06
C SER D 316 -24.82 -28.44 8.28
N ASP D 317 -25.79 -28.05 7.46
CA ASP D 317 -26.39 -26.73 7.60
C ASP D 317 -27.10 -26.67 8.96
N VAL D 318 -27.67 -27.79 9.39
CA VAL D 318 -28.35 -27.84 10.66
C VAL D 318 -27.39 -27.60 11.83
N LEU D 319 -26.22 -28.23 11.79
CA LEU D 319 -25.24 -28.06 12.86
C LEU D 319 -24.72 -26.62 12.87
N ARG D 320 -24.58 -26.04 11.67
CA ARG D 320 -24.08 -24.69 11.56
C ARG D 320 -25.07 -23.69 12.17
N LYS D 321 -26.33 -23.76 11.74
CA LYS D 321 -27.34 -22.85 12.27
C LYS D 321 -27.54 -23.01 13.76
N GLU D 322 -27.40 -24.22 14.28
CA GLU D 322 -27.56 -24.43 15.72
C GLU D 322 -26.44 -23.75 16.49
N MET D 323 -25.21 -23.96 16.05
CA MET D 323 -24.06 -23.34 16.71
C MET D 323 -24.18 -21.84 16.60
N LEU D 324 -24.65 -21.39 15.44
CA LEU D 324 -24.81 -19.97 15.20
C LEU D 324 -25.85 -19.41 16.18
N SER D 325 -26.95 -20.13 16.36
CA SER D 325 -27.98 -19.64 17.26
C SER D 325 -27.50 -19.67 18.71
N ILE D 326 -26.58 -20.56 19.04
CA ILE D 326 -26.07 -20.61 20.41
C ILE D 326 -25.15 -19.42 20.68
N GLN D 327 -24.28 -19.09 19.71
CA GLN D 327 -23.38 -17.98 19.94
C GLN D 327 -24.14 -16.65 19.94
N HIS D 328 -25.24 -16.58 19.19
CA HIS D 328 -26.02 -15.36 19.18
C HIS D 328 -26.82 -15.24 20.47
N ASP D 329 -27.18 -16.38 21.04
CA ASP D 329 -27.93 -16.37 22.28
C ASP D 329 -26.99 -15.88 23.40
N ILE D 330 -25.74 -16.32 23.37
CA ILE D 330 -24.79 -15.91 24.38
C ILE D 330 -24.47 -14.42 24.26
N LEU D 331 -24.34 -13.95 23.03
CA LEU D 331 -24.05 -12.54 22.79
C LEU D 331 -25.15 -11.71 23.43
N ASN D 332 -26.40 -12.02 23.07
CA ASN D 332 -27.54 -11.28 23.58
C ASN D 332 -27.70 -11.32 25.09
N LYS D 333 -27.28 -12.38 25.75
CA LYS D 333 -27.41 -12.38 27.19
C LYS D 333 -26.48 -11.31 27.73
N THR D 334 -25.34 -11.13 27.05
CA THR D 334 -24.38 -10.12 27.45
C THR D 334 -24.97 -8.75 27.17
N ARG D 335 -25.59 -8.59 26.00
CA ARG D 335 -26.20 -7.33 25.60
C ARG D 335 -27.32 -6.89 26.53
N ALA D 336 -28.05 -7.86 27.05
CA ALA D 336 -29.18 -7.61 27.94
C ALA D 336 -28.69 -6.87 29.18
N LYS D 337 -27.41 -7.01 29.48
CA LYS D 337 -26.83 -6.37 30.66
C LYS D 337 -26.31 -4.96 30.39
N LYS D 338 -26.64 -4.40 29.23
CA LYS D 338 -26.18 -3.06 28.90
C LYS D 338 -26.21 -2.09 30.08
N ALA D 339 -27.38 -1.88 30.67
CA ALA D 339 -27.52 -0.95 31.79
C ALA D 339 -26.57 -1.22 32.95
N GLU D 340 -26.27 -2.50 33.22
CA GLU D 340 -25.35 -2.79 34.31
C GLU D 340 -23.98 -2.35 33.83
N TRP D 341 -23.73 -2.58 32.55
CA TRP D 341 -22.46 -2.22 31.93
C TRP D 341 -22.24 -0.72 32.02
N GLN D 342 -23.23 0.06 31.59
CA GLN D 342 -23.14 1.50 31.64
C GLN D 342 -22.95 2.03 33.06
N ASP D 343 -23.62 1.42 34.03
CA ASP D 343 -23.47 1.89 35.39
C ASP D 343 -22.09 1.56 35.92
N ALA D 344 -21.56 0.41 35.50
CA ALA D 344 -20.23 -0.02 35.92
C ALA D 344 -19.20 0.96 35.41
N PHE D 345 -19.42 1.48 34.20
CA PHE D 345 -18.48 2.42 33.66
C PHE D 345 -18.54 3.75 34.39
N LYS D 346 -19.76 4.24 34.63
CA LYS D 346 -19.93 5.50 35.36
C LYS D 346 -19.26 5.32 36.71
N LYS D 347 -19.43 4.13 37.28
CA LYS D 347 -18.87 3.79 38.58
C LYS D 347 -17.34 3.74 38.53
N ALA D 348 -16.80 3.38 37.37
CA ALA D 348 -15.35 3.28 37.19
C ALA D 348 -14.69 4.66 37.05
N ILE D 349 -15.44 5.65 36.59
CA ILE D 349 -14.87 6.99 36.48
C ILE D 349 -15.46 7.90 37.57
N ASP D 350 -15.73 7.29 38.72
CA ASP D 350 -16.26 7.95 39.90
C ASP D 350 -17.43 8.89 39.62
N LEU D 351 -18.44 8.38 38.94
CA LEU D 351 -19.62 9.18 38.66
C LEU D 351 -20.79 8.59 39.44
#